data_9EBO
#
_entry.id   9EBO
#
_cell.length_a   1.00
_cell.length_b   1.00
_cell.length_c   1.00
_cell.angle_alpha   90.00
_cell.angle_beta   90.00
_cell.angle_gamma   90.00
#
_symmetry.space_group_name_H-M   'P 1'
#
loop_
_entity.id
_entity.type
_entity.pdbx_description
1 polymer 'Guanine nucleotide-binding protein G(s) subunit alpha isoforms short'
2 polymer 'Guanine nucleotide-binding protein G(I)/G(S)/G(T) subunit beta-1'
3 polymer 'Guanine nucleotide-binding protein G(I)/G(S)/G(O) subunit gamma-2'
4 polymer Nanobody35
5 polymer 'Glucagon-like peptide 1(7-36)'
6 polymer 'Glucagon-like peptide 1 receptor'
#
loop_
_entity_poly.entity_id
_entity_poly.type
_entity_poly.pdbx_seq_one_letter_code
_entity_poly.pdbx_strand_id
1 'polypeptide(L)'
;MGCLGNSKTEDQRNEEKAQREANKKIEKQLQKDKQVYRATHRLLLLGAGESGKNTIVKQMRILHVNGFNGEGGEEDPQAA
RSNSDGEKATKVQDIKNNLKEAIETIVAAMSNLVPPVELANPENQFRVDYILSVMNVPDFDFPPEFYEHAKALWEDEGVR
ACYERSNEYQLIDCAQYFLDKIDVIKQADYVPSDQDLLRCRVLTSGIFETKFQVDKVNFHMFDVGAQRDERRKWIQCFND
VTAIIFVVASSSYNMVIREDNQTNRLQAALKLFDSIWNNKWLRDTSVILFLNKQDLLAEKVLAGKSKIEDYFPEFARYTT
PEDATPEPGEDPRVTRAKYFIRDEFLRISTASGDGRHYCYPHFTCAVDTENIRRVFNDCRDIIQRMHLRQYELL
;
A
2 'polypeptide(L)'
;QSELDQLRQEAEQLKNQIRDARKACADATLSQITNNIDPVGRIQMRTRRTLRGHLAKIYAMHWGTDSRLLVSASQDGKLI
IWDSYTTNKVHAIPLRSSWVMTCAYAPSGNYVACGGLDNICSIYNLKTREGNVRVSRELAGHTGYLSCCRFLDDNQIVTS
SGDTTCALWDIETGQQTTTFTGHTGDVMSLSLAPDTRLFVSGACDASAKLWDVREGMCRQTFTGHESDINAICFFPNGNA
FATGSDDATCRLFDLRADQELMTYSHDNIICGITSVSFSKSGRLLLAGYDDFNCNVWDALKADRAGVLAGHDNRVSCLGV
TDDGMAVATGSWDSFLKIWN
;
B
3 'polypeptide(L)' NTASIAQARKLVEQLKMEANIDRIKVSKAAADLMAYCEAHAKEDPLLTPVPASENPFR G
4 'polypeptide(L)'
;QVQLQESGGGLVQPGGSLRLSCAASGFTFSNYKMNWVRQAPGKGLEWVSDISQSGASISYTGSVKGRFTISRDNAKNTLY
LQMNSLKPEDTAVYYCARCPAPFTRDCFDVTSTTYAYRGQGTQVTVSS
;
N
5 'polypeptide(L)' HAEGTFTSDVS(XCP)YLEGQAAKEFIAWLVKGR P
6 'polypeptide(L)'
;MKTIIALSYIFCLVFADYKDDDDLEVLFQGPARPQGATVSLWETVQKWREYRRQCQRSLTEDPPPATDLFCNRTFDEYAC
WPDGEPGSFVNVSCPWYLPWASSVPQGHVYRFCTAEGLWLQKDNSSLPWRDLSECEESKRGERSSPEEQLLFLYIIYTVG
YALSFSALVIASAILLGFRHLHCTRNYIHLNLFASFILRALSVFIKDAALKWMYSTAAQQHQWDGLLSYQDSLSCRLVFL
LMQYCVAANYYWLLVEGVYLYTLLAFSVFSEQWIFRLYVSIGWGVPLLFVVPWGIVKYLYEDEGCWTRNSNMNYWLIIRL
PILFAIGVNFLIFVRVICIVVSKLKANLMCKTDIKCRLAKSTLTLIPLLGTHEVIFAFVMDEHARGTLRFIKLFTELSFT
SFQGLMVAILYCFVNNEVQLEFRKSWERWRLEHLHIQRDSSMKPLKCPTSSLSSGATAGSSMYTATCQASCSPAGLEVLF
QGPHHHHHHHH
;
R
#
loop_
_chem_comp.id
_chem_comp.type
_chem_comp.name
_chem_comp.formula
XCP peptide-like '(1S,2S)-2-aminocyclopentanecarboxylic acid' 'C6 H11 N O2'
#
# COMPACT_ATOMS: atom_id res chain seq x y z
N GLU A 16 -4.66 -26.48 -26.66
CA GLU A 16 -4.99 -25.59 -25.55
C GLU A 16 -4.90 -26.32 -24.21
N LYS A 17 -5.33 -27.58 -24.17
CA LYS A 17 -5.27 -28.33 -22.92
C LYS A 17 -3.82 -28.46 -22.44
N ALA A 18 -2.90 -28.77 -23.35
CA ALA A 18 -1.49 -28.87 -22.96
C ALA A 18 -0.97 -27.54 -22.42
N GLN A 19 -1.50 -26.42 -22.92
CA GLN A 19 -1.10 -25.13 -22.39
C GLN A 19 -1.64 -24.90 -20.99
N ARG A 20 -2.87 -25.34 -20.73
CA ARG A 20 -3.49 -25.07 -19.44
C ARG A 20 -2.81 -25.86 -18.32
N GLU A 21 -2.46 -27.12 -18.58
CA GLU A 21 -1.88 -27.95 -17.52
C GLU A 21 -0.55 -27.38 -17.04
N ALA A 22 0.30 -26.93 -17.97
CA ALA A 22 1.59 -26.36 -17.58
C ALA A 22 1.40 -25.11 -16.74
N ASN A 23 0.45 -24.26 -17.11
CA ASN A 23 0.18 -23.06 -16.32
C ASN A 23 -0.19 -23.43 -14.90
N LYS A 24 -0.99 -24.48 -14.72
CA LYS A 24 -1.29 -24.95 -13.38
C LYS A 24 -0.03 -25.40 -12.66
N LYS A 25 0.85 -26.12 -13.35
CA LYS A 25 2.11 -26.55 -12.75
C LYS A 25 2.99 -25.35 -12.43
N ILE A 26 3.07 -24.39 -13.34
CA ILE A 26 3.87 -23.19 -13.10
C ILE A 26 3.30 -22.40 -11.94
N GLU A 27 1.98 -22.16 -11.97
CA GLU A 27 1.35 -21.40 -10.89
C GLU A 27 1.49 -22.13 -9.56
N LYS A 28 1.34 -23.45 -9.58
CA LYS A 28 1.52 -24.23 -8.36
C LYS A 28 2.90 -24.01 -7.75
N GLN A 29 3.90 -23.79 -8.61
CA GLN A 29 5.26 -23.56 -8.11
C GLN A 29 5.39 -22.17 -7.51
N LEU A 30 4.80 -21.16 -8.15
CA LEU A 30 4.92 -19.79 -7.64
C LEU A 30 4.32 -19.64 -6.26
N GLN A 31 3.43 -20.55 -5.84
CA GLN A 31 2.89 -20.50 -4.49
C GLN A 31 3.96 -20.80 -3.45
N LYS A 32 4.75 -21.86 -3.69
CA LYS A 32 5.82 -22.19 -2.76
C LYS A 32 6.87 -21.10 -2.72
N ASP A 33 7.23 -20.55 -3.89
CA ASP A 33 8.18 -19.45 -3.93
C ASP A 33 7.63 -18.19 -3.29
N LYS A 34 6.31 -18.06 -3.17
CA LYS A 34 5.72 -16.91 -2.50
C LYS A 34 5.88 -16.99 -0.98
N GLN A 35 5.91 -18.20 -0.43
CA GLN A 35 6.12 -18.35 1.00
C GLN A 35 7.52 -17.91 1.41
N VAL A 36 8.54 -18.39 0.68
CA VAL A 36 9.92 -18.07 1.04
C VAL A 36 10.17 -16.58 0.90
N TYR A 37 9.69 -15.98 -0.18
CA TYR A 37 9.92 -14.56 -0.40
C TYR A 37 9.32 -13.72 0.73
N ARG A 38 8.10 -14.06 1.16
CA ARG A 38 7.42 -13.29 2.19
C ARG A 38 7.95 -13.56 3.59
N ALA A 39 8.72 -14.62 3.79
CA ALA A 39 9.22 -14.99 5.10
C ALA A 39 10.65 -14.54 5.33
N THR A 40 11.20 -13.69 4.47
CA THR A 40 12.58 -13.24 4.57
C THR A 40 12.63 -11.72 4.43
N HIS A 41 13.58 -11.12 5.13
CA HIS A 41 13.77 -9.67 5.12
C HIS A 41 15.03 -9.32 4.33
N ARG A 42 14.99 -8.16 3.68
CA ARG A 42 16.09 -7.66 2.87
C ARG A 42 16.69 -6.44 3.53
N LEU A 43 18.01 -6.39 3.61
CA LEU A 43 18.72 -5.30 4.26
C LEU A 43 19.84 -4.83 3.36
N LEU A 44 19.93 -3.51 3.15
CA LEU A 44 21.01 -2.92 2.38
C LEU A 44 22.08 -2.39 3.32
N LEU A 45 23.33 -2.63 2.98
CA LEU A 45 24.47 -2.24 3.81
C LEU A 45 25.25 -1.16 3.08
N LEU A 46 25.09 0.09 3.51
CA LEU A 46 25.81 1.22 2.96
C LEU A 46 26.96 1.61 3.89
N GLY A 47 27.63 2.70 3.55
CA GLY A 47 28.74 3.19 4.35
C GLY A 47 30.02 3.34 3.55
N ALA A 48 30.78 4.39 3.84
CA ALA A 48 32.02 4.66 3.15
C ALA A 48 32.99 3.49 3.28
N GLY A 49 34.04 3.46 2.45
CA GLY A 49 34.96 2.34 2.49
C GLY A 49 35.65 2.19 3.83
N GLU A 50 36.10 3.31 4.40
CA GLU A 50 36.85 3.29 5.65
C GLU A 50 35.95 3.34 6.88
N SER A 51 34.69 2.94 6.75
CA SER A 51 33.76 2.95 7.87
C SER A 51 33.78 1.66 8.68
N GLY A 52 34.51 0.65 8.23
CA GLY A 52 34.58 -0.60 8.97
C GLY A 52 33.45 -1.57 8.71
N LYS A 53 32.65 -1.36 7.67
CA LYS A 53 31.52 -2.24 7.41
C LYS A 53 31.98 -3.66 7.11
N ASN A 54 33.06 -3.79 6.34
CA ASN A 54 33.53 -5.12 5.96
C ASN A 54 33.86 -5.98 7.16
N THR A 55 34.38 -5.37 8.23
CA THR A 55 34.60 -6.12 9.46
C THR A 55 33.28 -6.67 9.99
N ILE A 56 32.22 -5.86 9.97
CA ILE A 56 30.91 -6.32 10.43
C ILE A 56 30.41 -7.48 9.58
N VAL A 57 30.58 -7.35 8.26
CA VAL A 57 30.11 -8.39 7.35
C VAL A 57 30.85 -9.69 7.60
N LYS A 58 32.17 -9.62 7.76
CA LYS A 58 32.94 -10.81 8.07
C LYS A 58 32.52 -11.40 9.42
N GLN A 59 32.25 -10.52 10.40
CA GLN A 59 31.81 -10.99 11.71
C GLN A 59 30.54 -11.82 11.59
N MET A 60 29.52 -11.29 10.91
CA MET A 60 28.29 -12.05 10.76
C MET A 60 28.50 -13.30 9.92
N ARG A 61 29.32 -13.23 8.88
CA ARG A 61 29.55 -14.41 8.04
C ARG A 61 30.16 -15.54 8.84
N THR A 204 35.63 -8.14 -8.52
CA THR A 204 35.01 -8.53 -9.79
C THR A 204 33.49 -8.60 -9.67
N SER A 205 32.99 -9.25 -8.63
CA SER A 205 31.55 -9.38 -8.44
C SER A 205 30.94 -8.01 -8.15
N GLY A 206 29.79 -7.75 -8.78
CA GLY A 206 29.13 -6.48 -8.61
C GLY A 206 28.28 -6.35 -7.36
N ILE A 207 28.05 -7.44 -6.65
CA ILE A 207 27.27 -7.41 -5.42
C ILE A 207 27.53 -8.70 -4.67
N PHE A 208 27.38 -8.66 -3.35
CA PHE A 208 27.68 -9.78 -2.48
C PHE A 208 26.46 -10.12 -1.63
N GLU A 209 26.43 -11.35 -1.14
CA GLU A 209 25.30 -11.87 -0.38
C GLU A 209 25.74 -12.34 0.99
N THR A 210 24.87 -12.13 1.98
CA THR A 210 25.16 -12.57 3.36
C THR A 210 23.82 -12.93 3.99
N LYS A 211 23.49 -14.22 3.98
CA LYS A 211 22.24 -14.71 4.52
C LYS A 211 22.48 -15.32 5.90
N PHE A 212 21.77 -14.81 6.90
CA PHE A 212 21.85 -15.33 8.25
C PHE A 212 20.46 -15.35 8.85
N GLN A 213 20.31 -16.13 9.93
CA GLN A 213 19.03 -16.29 10.59
C GLN A 213 19.16 -15.97 12.07
N VAL A 214 18.17 -15.24 12.59
CA VAL A 214 18.09 -14.91 14.02
C VAL A 214 16.69 -15.28 14.50
N ASP A 215 16.62 -15.99 15.62
CA ASP A 215 15.34 -16.41 16.20
C ASP A 215 14.51 -17.14 15.15
N LYS A 216 15.16 -17.99 14.36
CA LYS A 216 14.52 -18.73 13.27
C LYS A 216 13.90 -17.81 12.23
N VAL A 217 14.34 -16.56 12.18
CA VAL A 217 13.91 -15.60 11.18
C VAL A 217 15.09 -15.35 10.26
N ASN A 218 14.87 -15.47 8.95
CA ASN A 218 15.93 -15.40 7.97
C ASN A 218 16.04 -13.98 7.42
N PHE A 219 17.25 -13.43 7.43
CA PHE A 219 17.57 -12.14 6.86
C PHE A 219 18.41 -12.32 5.61
N HIS A 220 18.60 -11.23 4.88
CA HIS A 220 19.26 -11.31 3.57
C HIS A 220 19.88 -9.95 3.30
N MET A 221 21.19 -9.84 3.49
CA MET A 221 21.90 -8.56 3.43
C MET A 221 22.74 -8.48 2.17
N PHE A 222 22.74 -7.30 1.53
CA PHE A 222 23.43 -7.07 0.27
C PHE A 222 24.49 -6.00 0.45
N ASP A 223 25.74 -6.36 0.14
CA ASP A 223 26.87 -5.45 0.21
C ASP A 223 27.22 -5.00 -1.21
N VAL A 224 27.19 -3.69 -1.44
CA VAL A 224 27.55 -3.17 -2.75
C VAL A 224 29.03 -3.43 -3.02
N GLY A 225 29.39 -3.47 -4.30
CA GLY A 225 30.76 -3.68 -4.68
C GLY A 225 30.99 -3.53 -6.17
N ALA A 226 32.20 -3.13 -6.57
CA ALA A 226 32.58 -2.99 -7.99
C ALA A 226 31.60 -2.05 -8.70
N GLN A 227 31.23 -0.94 -8.05
CA GLN A 227 30.33 0.08 -8.66
C GLN A 227 30.93 1.47 -8.45
N ARG A 228 30.57 2.44 -9.29
CA ARG A 228 31.07 3.81 -9.21
C ARG A 228 30.41 4.53 -8.04
N ASP A 229 30.83 5.78 -7.84
CA ASP A 229 30.39 6.56 -6.69
C ASP A 229 29.16 7.42 -6.99
N GLU A 230 28.63 7.37 -8.22
CA GLU A 230 27.43 8.13 -8.56
C GLU A 230 26.21 7.25 -8.28
N ARG A 231 25.68 7.41 -7.07
CA ARG A 231 24.67 6.47 -6.56
C ARG A 231 23.26 6.84 -6.97
N ARG A 232 23.04 8.01 -7.58
CA ARG A 232 21.69 8.53 -7.71
C ARG A 232 20.83 7.74 -8.69
N LYS A 233 21.33 6.65 -9.26
CA LYS A 233 20.57 5.84 -10.20
C LYS A 233 20.37 4.41 -9.72
N TRP A 234 21.43 3.74 -9.28
CA TRP A 234 21.27 2.38 -8.78
C TRP A 234 20.79 2.33 -7.34
N ILE A 235 20.69 3.49 -6.67
CA ILE A 235 20.17 3.50 -5.31
C ILE A 235 18.68 3.19 -5.29
N GLN A 236 17.94 3.62 -6.32
CA GLN A 236 16.49 3.48 -6.31
C GLN A 236 16.06 2.02 -6.28
N CYS A 237 16.94 1.10 -6.66
CA CYS A 237 16.57 -0.30 -6.67
C CYS A 237 16.17 -0.81 -5.29
N PHE A 238 16.65 -0.16 -4.23
CA PHE A 238 16.43 -0.61 -2.87
C PHE A 238 15.33 0.17 -2.17
N ASN A 239 14.29 0.56 -2.89
CA ASN A 239 13.19 1.31 -2.27
C ASN A 239 12.21 0.41 -1.54
N ASP A 240 12.35 -0.90 -1.62
CA ASP A 240 11.45 -1.85 -0.99
C ASP A 240 12.11 -2.68 0.09
N VAL A 241 13.37 -2.38 0.44
CA VAL A 241 14.05 -3.14 1.48
C VAL A 241 13.40 -2.85 2.83
N THR A 242 13.57 -3.78 3.77
CA THR A 242 13.05 -3.58 5.11
C THR A 242 13.65 -2.32 5.74
N ALA A 243 14.97 -2.18 5.65
CA ALA A 243 15.66 -1.02 6.21
C ALA A 243 17.04 -0.93 5.58
N ILE A 244 17.64 0.25 5.68
CA ILE A 244 18.97 0.51 5.15
C ILE A 244 19.89 0.77 6.33
N ILE A 245 21.02 0.06 6.37
CA ILE A 245 22.05 0.29 7.36
C ILE A 245 23.02 1.33 6.82
N PHE A 246 23.34 2.34 7.63
CA PHE A 246 24.20 3.45 7.23
C PHE A 246 25.33 3.56 8.24
N VAL A 247 26.41 2.82 8.00
CA VAL A 247 27.58 2.88 8.88
C VAL A 247 28.32 4.18 8.63
N VAL A 248 28.63 4.90 9.69
CA VAL A 248 29.31 6.19 9.62
C VAL A 248 30.64 6.08 10.32
N ALA A 249 31.58 6.93 9.92
CA ALA A 249 32.90 7.02 10.57
C ALA A 249 32.89 8.27 11.45
N SER A 250 32.40 8.10 12.67
CA SER A 250 32.27 9.23 13.59
C SER A 250 33.63 9.82 13.93
N SER A 251 34.63 8.98 14.14
CA SER A 251 35.96 9.45 14.50
C SER A 251 36.75 9.98 13.32
N SER A 252 36.23 9.84 12.09
CA SER A 252 36.94 10.29 10.90
C SER A 252 37.04 11.80 10.80
N TYR A 253 36.31 12.55 11.63
CA TYR A 253 36.40 14.00 11.62
C TYR A 253 37.85 14.44 11.70
N ASN A 254 38.14 15.61 11.16
CA ASN A 254 39.49 16.16 11.18
C ASN A 254 40.45 15.30 10.36
N GLN A 262 40.49 13.37 1.90
CA GLN A 262 39.49 14.41 2.11
C GLN A 262 39.56 14.83 3.59
N THR A 263 39.31 16.11 3.86
CA THR A 263 39.53 16.64 5.19
C THR A 263 38.35 16.36 6.13
N ASN A 264 37.13 16.57 5.65
CA ASN A 264 35.92 16.49 6.48
C ASN A 264 35.08 15.31 6.01
N ARG A 265 35.36 14.12 6.57
CA ARG A 265 34.56 12.95 6.24
C ARG A 265 33.16 13.04 6.86
N LEU A 266 33.08 13.58 8.07
CA LEU A 266 31.80 13.67 8.75
C LEU A 266 30.80 14.50 7.95
N GLN A 267 31.26 15.61 7.37
CA GLN A 267 30.38 16.42 6.54
C GLN A 267 29.92 15.66 5.31
N ALA A 268 30.81 14.85 4.71
CA ALA A 268 30.41 14.04 3.57
C ALA A 268 29.31 13.08 3.97
N ALA A 269 29.46 12.40 5.10
CA ALA A 269 28.43 11.47 5.56
C ALA A 269 27.14 12.22 5.87
N LEU A 270 27.24 13.42 6.43
CA LEU A 270 26.06 14.22 6.74
C LEU A 270 25.29 14.56 5.47
N LYS A 271 26.00 15.01 4.44
CA LYS A 271 25.34 15.37 3.19
C LYS A 271 24.73 14.14 2.53
N LEU A 272 25.43 13.01 2.59
CA LEU A 272 24.88 11.79 2.00
C LEU A 272 23.59 11.37 2.70
N PHE A 273 23.59 11.38 4.03
CA PHE A 273 22.39 11.01 4.77
C PHE A 273 21.27 11.98 4.48
N ASP A 274 21.58 13.28 4.41
CA ASP A 274 20.55 14.27 4.11
C ASP A 274 19.95 14.03 2.72
N SER A 275 20.79 13.73 1.73
CA SER A 275 20.28 13.45 0.39
C SER A 275 19.41 12.21 0.39
N ILE A 276 19.80 11.18 1.15
CA ILE A 276 18.96 9.98 1.25
C ILE A 276 17.61 10.34 1.86
N TRP A 277 17.61 11.17 2.90
CA TRP A 277 16.38 11.49 3.62
C TRP A 277 15.32 12.06 2.68
N ASN A 278 15.71 13.00 1.81
CA ASN A 278 14.76 13.80 1.07
C ASN A 278 14.45 13.27 -0.33
N ASN A 279 14.92 12.09 -0.70
CA ASN A 279 14.62 11.54 -2.01
C ASN A 279 13.23 10.92 -1.99
N LYS A 280 12.42 11.23 -3.00
CA LYS A 280 11.01 10.83 -2.98
C LYS A 280 10.84 9.32 -2.97
N TRP A 281 11.67 8.60 -3.74
CA TRP A 281 11.54 7.15 -3.79
C TRP A 281 11.97 6.49 -2.49
N LEU A 282 12.59 7.24 -1.58
CA LEU A 282 13.04 6.72 -0.30
C LEU A 282 12.36 7.37 0.89
N ARG A 283 11.24 8.06 0.68
CA ARG A 283 10.55 8.78 1.75
C ARG A 283 9.65 7.84 2.55
N ASP A 284 9.84 6.53 2.39
CA ASP A 284 9.12 5.54 3.17
C ASP A 284 10.02 4.40 3.64
N THR A 285 11.30 4.44 3.31
CA THR A 285 12.24 3.37 3.67
C THR A 285 12.98 3.78 4.94
N SER A 286 12.89 2.94 5.97
CA SER A 286 13.57 3.23 7.22
C SER A 286 15.07 3.06 7.06
N VAL A 287 15.83 3.84 7.85
CA VAL A 287 17.28 3.85 7.79
C VAL A 287 17.81 3.65 9.20
N ILE A 288 18.55 2.58 9.42
CA ILE A 288 19.26 2.38 10.67
C ILE A 288 20.59 3.10 10.57
N LEU A 289 21.07 3.63 11.70
CA LEU A 289 22.26 4.46 11.73
C LEU A 289 23.26 3.86 12.71
N PHE A 290 24.47 3.60 12.24
CA PHE A 290 25.56 3.12 13.06
C PHE A 290 26.68 4.16 13.04
N LEU A 291 27.18 4.49 14.23
CA LEU A 291 28.32 5.39 14.40
C LEU A 291 29.46 4.50 14.89
N ASN A 292 30.27 4.00 13.95
CA ASN A 292 31.06 2.80 14.14
C ASN A 292 32.54 3.08 14.37
N LYS A 293 32.89 4.13 15.10
CA LYS A 293 34.29 4.34 15.47
C LYS A 293 34.39 4.88 16.89
N GLN A 294 33.64 4.28 17.82
CA GLN A 294 33.62 4.79 19.19
C GLN A 294 34.97 4.60 19.86
N ASP A 295 35.59 3.43 19.70
CA ASP A 295 36.84 3.14 20.38
C ASP A 295 38.01 3.93 19.82
N LEU A 296 37.85 4.55 18.65
CA LEU A 296 38.83 5.48 18.10
C LEU A 296 38.49 6.92 18.40
N LEU A 297 37.21 7.26 18.38
CA LEU A 297 36.78 8.60 18.81
C LEU A 297 37.19 8.85 20.26
N ALA A 298 37.15 7.82 21.10
CA ALA A 298 37.55 8.00 22.49
C ALA A 298 38.98 8.51 22.59
N GLU A 299 39.92 7.83 21.93
CA GLU A 299 41.31 8.28 21.96
C GLU A 299 41.48 9.62 21.28
N LYS A 300 40.77 9.85 20.17
CA LYS A 300 40.92 11.11 19.45
C LYS A 300 40.52 12.29 20.33
N VAL A 301 39.37 12.20 21.00
CA VAL A 301 38.91 13.28 21.85
C VAL A 301 39.77 13.38 23.10
N LEU A 302 40.16 12.25 23.68
CA LEU A 302 40.90 12.28 24.94
C LEU A 302 42.28 12.90 24.76
N ALA A 303 42.99 12.52 23.70
CA ALA A 303 44.36 12.98 23.51
C ALA A 303 44.48 14.47 23.28
N GLY A 304 43.38 15.16 22.99
CA GLY A 304 43.42 16.58 22.74
C GLY A 304 43.64 16.97 21.30
N LYS A 305 43.69 16.01 20.38
CA LYS A 305 43.86 16.29 18.96
C LYS A 305 42.55 16.68 18.27
N SER A 306 41.40 16.43 18.90
CA SER A 306 40.12 16.62 18.25
C SER A 306 39.90 18.08 17.84
N LYS A 307 39.78 18.96 18.83
CA LYS A 307 39.43 20.36 18.60
C LYS A 307 38.29 20.48 17.57
N ILE A 308 37.18 19.80 17.90
CA ILE A 308 36.04 19.78 17.00
C ILE A 308 35.45 21.18 16.82
N GLU A 309 35.80 22.13 17.68
CA GLU A 309 35.23 23.47 17.58
C GLU A 309 35.60 24.13 16.25
N ASP A 310 36.83 23.94 15.79
CA ASP A 310 37.27 24.63 14.57
C ASP A 310 36.42 24.21 13.37
N TYR A 311 36.11 22.93 13.25
CA TYR A 311 35.31 22.42 12.14
C TYR A 311 33.82 22.42 12.46
N PHE A 312 33.42 22.90 13.63
CA PHE A 312 32.01 23.00 14.00
C PHE A 312 31.86 24.13 15.01
N PRO A 313 31.67 25.36 14.54
CA PRO A 313 31.52 26.48 15.48
C PRO A 313 30.37 26.30 16.45
N GLU A 314 29.40 25.45 16.12
CA GLU A 314 28.18 25.23 16.94
C GLU A 314 28.44 24.31 18.14
N PHE A 315 29.68 23.86 18.37
CA PHE A 315 30.00 22.87 19.45
C PHE A 315 30.73 23.54 20.61
N ALA A 316 30.57 24.85 20.80
CA ALA A 316 31.22 25.59 21.90
C ALA A 316 30.24 25.81 23.06
N ARG A 317 28.93 25.73 22.80
CA ARG A 317 27.88 25.94 23.83
C ARG A 317 27.09 24.64 24.05
N TYR A 318 27.41 23.58 23.30
CA TYR A 318 26.70 22.28 23.42
C TYR A 318 26.81 21.77 24.85
N THR A 319 25.71 21.33 25.46
CA THR A 319 25.68 20.77 26.83
C THR A 319 25.02 19.40 26.77
N THR A 320 25.67 18.35 27.29
CA THR A 320 25.14 16.97 27.21
C THR A 320 23.62 17.03 27.42
N PRO A 321 22.79 16.49 26.50
CA PRO A 321 21.34 16.56 26.63
C PRO A 321 20.97 15.99 28.01
N GLU A 322 19.87 16.43 28.62
CA GLU A 322 19.52 16.01 29.98
C GLU A 322 19.24 14.52 30.03
N ASP A 323 18.55 13.99 29.03
CA ASP A 323 18.21 12.56 28.99
C ASP A 323 19.40 11.68 28.63
N ALA A 324 20.62 12.20 28.63
CA ALA A 324 21.79 11.39 28.29
C ALA A 324 21.92 10.21 29.25
N THR A 325 22.39 9.09 28.73
CA THR A 325 22.59 7.86 29.50
C THR A 325 24.00 7.37 29.27
N PRO A 326 25.00 8.04 29.86
CA PRO A 326 26.38 7.63 29.63
C PRO A 326 26.68 6.26 30.22
N GLU A 327 27.61 5.56 29.59
CA GLU A 327 28.10 4.31 30.13
C GLU A 327 28.96 4.58 31.36
N PRO A 328 29.10 3.59 32.24
CA PRO A 328 29.90 3.79 33.45
C PRO A 328 31.36 4.10 33.12
N GLY A 329 31.97 4.93 33.96
CA GLY A 329 33.38 5.26 33.80
C GLY A 329 33.69 5.95 32.50
N GLU A 330 32.92 6.98 32.15
CA GLU A 330 33.09 7.72 30.91
C GLU A 330 33.46 9.16 31.21
N ASP A 331 34.49 9.66 30.51
CA ASP A 331 34.85 11.06 30.61
C ASP A 331 33.71 11.91 30.03
N PRO A 332 33.24 12.94 30.74
CA PRO A 332 32.11 13.72 30.21
C PRO A 332 32.36 14.30 28.83
N ARG A 333 33.59 14.69 28.50
CA ARG A 333 33.87 15.24 27.18
C ARG A 333 33.61 14.21 26.10
N VAL A 334 34.01 12.96 26.34
CA VAL A 334 33.81 11.91 25.35
C VAL A 334 32.33 11.76 25.03
N THR A 335 31.51 11.62 26.07
CA THR A 335 30.07 11.46 25.86
C THR A 335 29.46 12.70 25.23
N ARG A 336 29.93 13.87 25.66
CA ARG A 336 29.43 15.16 25.12
C ARG A 336 29.64 15.19 23.61
N ALA A 337 30.86 14.90 23.13
CA ALA A 337 31.15 14.93 21.71
C ALA A 337 30.39 13.84 20.97
N LYS A 338 30.36 12.63 21.54
CA LYS A 338 29.68 11.52 20.87
C LYS A 338 28.20 11.84 20.64
N TYR A 339 27.55 12.36 21.68
CA TYR A 339 26.11 12.70 21.63
C TYR A 339 25.96 13.86 20.64
N PHE A 340 26.93 14.76 20.56
CA PHE A 340 26.90 15.93 19.63
C PHE A 340 26.86 15.41 18.20
N ILE A 341 27.73 14.46 17.86
CA ILE A 341 27.78 13.87 16.52
C ILE A 341 26.45 13.19 16.22
N ARG A 342 25.93 12.41 17.18
CA ARG A 342 24.63 11.79 16.97
C ARG A 342 23.54 12.84 16.76
N ASP A 343 23.65 13.93 17.53
CA ASP A 343 22.64 15.02 17.52
C ASP A 343 22.55 15.69 16.14
N GLU A 344 23.66 15.79 15.41
CA GLU A 344 23.63 16.39 14.08
C GLU A 344 22.71 15.60 13.15
N PHE A 345 22.95 14.29 13.06
CA PHE A 345 22.12 13.44 12.22
C PHE A 345 20.68 13.42 12.71
N LEU A 346 20.48 13.37 14.02
CA LEU A 346 19.12 13.37 14.55
C LEU A 346 18.41 14.70 14.30
N ARG A 347 19.16 15.79 14.10
CA ARG A 347 18.53 17.04 13.73
C ARG A 347 18.13 17.03 12.26
N ILE A 348 18.96 16.44 11.41
CA ILE A 348 18.57 16.29 10.01
C ILE A 348 17.32 15.41 9.91
N SER A 349 17.30 14.31 10.66
CA SER A 349 16.25 13.31 10.51
C SER A 349 14.88 13.86 10.92
N THR A 350 14.83 14.59 12.03
CA THR A 350 13.56 15.02 12.62
C THR A 350 13.01 16.29 11.99
N ALA A 351 13.43 16.62 10.76
CA ALA A 351 12.88 17.75 10.03
C ALA A 351 12.20 17.23 8.77
N SER A 352 10.90 17.45 8.65
CA SER A 352 10.14 17.00 7.49
C SER A 352 10.08 15.48 7.41
N GLY A 353 10.25 14.81 8.55
CA GLY A 353 10.11 13.35 8.56
C GLY A 353 8.70 12.92 8.23
N ASP A 354 7.70 13.56 8.84
CA ASP A 354 6.29 13.38 8.53
C ASP A 354 5.75 12.03 8.98
N GLY A 355 6.44 11.33 9.87
CA GLY A 355 5.92 10.11 10.46
C GLY A 355 5.62 9.02 9.47
N ARG A 356 6.52 8.81 8.50
CA ARG A 356 6.40 7.73 7.53
C ARG A 356 7.66 6.89 7.40
N HIS A 357 8.83 7.43 7.73
CA HIS A 357 10.06 6.67 7.83
C HIS A 357 10.87 7.23 8.98
N TYR A 358 11.73 6.40 9.56
CA TYR A 358 12.35 6.73 10.84
C TYR A 358 13.86 6.51 10.77
N CYS A 359 14.52 6.75 11.90
CA CYS A 359 15.95 6.56 12.03
C CYS A 359 16.22 6.05 13.44
N TYR A 360 17.18 5.13 13.56
CA TYR A 360 17.45 4.42 14.81
C TYR A 360 18.94 4.53 15.13
N PRO A 361 19.38 5.66 15.67
CA PRO A 361 20.80 5.79 16.01
C PRO A 361 21.25 4.72 17.00
N HIS A 362 22.47 4.23 16.80
CA HIS A 362 23.01 3.15 17.62
C HIS A 362 24.52 3.25 17.61
N PHE A 363 25.11 3.70 18.70
CA PHE A 363 26.56 3.69 18.83
C PHE A 363 27.06 2.25 18.80
N THR A 364 28.14 2.01 18.05
CA THR A 364 28.65 0.66 17.89
C THR A 364 30.14 0.69 17.70
N CYS A 365 30.77 -0.44 18.00
CA CYS A 365 32.16 -0.68 17.65
C CYS A 365 32.20 -1.41 16.31
N ALA A 366 33.37 -1.94 15.94
CA ALA A 366 33.52 -2.66 14.69
C ALA A 366 33.38 -4.16 14.85
N VAL A 367 33.44 -4.69 16.07
CA VAL A 367 33.35 -6.12 16.30
C VAL A 367 32.32 -6.42 17.37
N ASP A 368 31.39 -5.48 17.60
CA ASP A 368 30.37 -5.69 18.62
C ASP A 368 29.52 -6.90 18.28
N THR A 369 29.30 -7.76 19.28
CA THR A 369 28.56 -8.99 19.05
C THR A 369 27.07 -8.72 18.83
N GLU A 370 26.51 -7.71 19.49
CA GLU A 370 25.08 -7.49 19.48
C GLU A 370 24.57 -6.75 18.25
N ASN A 371 25.37 -6.64 17.19
CA ASN A 371 24.90 -5.94 15.99
C ASN A 371 23.74 -6.70 15.34
N ILE A 372 23.84 -8.03 15.27
CA ILE A 372 22.76 -8.82 14.71
C ILE A 372 21.50 -8.62 15.53
N ARG A 373 21.62 -8.63 16.86
CA ARG A 373 20.46 -8.45 17.71
C ARG A 373 19.84 -7.07 17.54
N ARG A 374 20.69 -6.04 17.43
CA ARG A 374 20.17 -4.68 17.26
C ARG A 374 19.41 -4.56 15.94
N VAL A 375 19.97 -5.09 14.85
CA VAL A 375 19.28 -5.03 13.57
C VAL A 375 17.99 -5.83 13.63
N PHE A 376 18.01 -6.99 14.27
CA PHE A 376 16.81 -7.81 14.39
C PHE A 376 15.71 -7.05 15.11
N ASN A 377 16.04 -6.44 16.25
CA ASN A 377 15.03 -5.73 17.02
C ASN A 377 14.50 -4.52 16.26
N ASP A 378 15.38 -3.80 15.56
CA ASP A 378 14.91 -2.64 14.80
C ASP A 378 14.01 -3.07 13.65
N CYS A 379 14.33 -4.18 12.99
CA CYS A 379 13.44 -4.70 11.96
C CYS A 379 12.08 -5.07 12.54
N ARG A 380 12.08 -5.72 13.70
CA ARG A 380 10.82 -6.07 14.35
C ARG A 380 10.00 -4.82 14.63
N ASP A 381 10.63 -3.78 15.15
CA ASP A 381 9.93 -2.54 15.41
C ASP A 381 9.36 -1.94 14.13
N ILE A 382 10.12 -2.00 13.03
CA ILE A 382 9.64 -1.45 11.77
C ILE A 382 8.38 -2.19 11.31
N ILE A 383 8.43 -3.51 11.35
CA ILE A 383 7.27 -4.29 10.91
C ILE A 383 6.05 -3.99 11.79
N GLN A 384 6.26 -3.94 13.11
CA GLN A 384 5.14 -3.66 14.00
C GLN A 384 4.55 -2.29 13.74
N ARG A 385 5.39 -1.28 13.54
CA ARG A 385 4.89 0.06 13.26
C ARG A 385 4.09 0.08 11.96
N MET A 386 4.58 -0.60 10.92
CA MET A 386 3.85 -0.63 9.66
C MET A 386 2.50 -1.30 9.84
N HIS A 387 2.48 -2.44 10.55
CA HIS A 387 1.22 -3.13 10.79
C HIS A 387 0.23 -2.24 11.51
N LEU A 388 0.68 -1.59 12.59
CA LEU A 388 -0.22 -0.73 13.35
C LEU A 388 -0.71 0.43 12.49
N ARG A 389 0.15 0.97 11.61
CA ARG A 389 -0.29 2.06 10.74
C ARG A 389 -1.32 1.58 9.73
N GLN A 390 -1.26 0.30 9.35
CA GLN A 390 -2.27 -0.22 8.44
C GLN A 390 -3.66 -0.18 9.07
N TYR A 391 -3.77 -0.55 10.34
CA TYR A 391 -5.03 -0.50 11.07
C TYR A 391 -5.41 0.90 11.51
N GLU A 392 -4.60 1.91 11.17
CA GLU A 392 -4.87 3.29 11.54
C GLU A 392 -4.94 3.47 13.06
N LEU A 393 -4.26 2.59 13.79
CA LEU A 393 -4.11 2.81 15.23
C LEU A 393 -3.15 3.94 15.52
N LEU A 394 -2.03 3.98 14.81
CA LEU A 394 -1.04 5.04 14.99
C LEU A 394 -1.12 6.05 13.84
N LEU B 4 47.92 22.88 -21.74
CA LEU B 4 46.53 22.45 -21.69
C LEU B 4 45.55 23.55 -22.10
N ASP B 5 45.93 24.81 -21.90
CA ASP B 5 45.03 25.91 -22.24
C ASP B 5 44.72 25.94 -23.74
N GLN B 6 45.73 25.65 -24.57
CA GLN B 6 45.51 25.68 -26.02
C GLN B 6 44.47 24.66 -26.43
N LEU B 7 44.49 23.47 -25.82
CA LEU B 7 43.49 22.46 -26.15
C LEU B 7 42.09 22.93 -25.77
N ARG B 8 41.96 23.57 -24.61
CA ARG B 8 40.66 24.11 -24.21
C ARG B 8 40.18 25.16 -25.21
N GLN B 9 41.08 26.04 -25.64
CA GLN B 9 40.70 27.06 -26.61
C GLN B 9 40.27 26.44 -27.92
N GLU B 10 41.00 25.42 -28.39
CA GLU B 10 40.62 24.75 -29.63
C GLU B 10 39.26 24.09 -29.52
N ALA B 11 39.01 23.43 -28.38
CA ALA B 11 37.70 22.80 -28.18
C ALA B 11 36.59 23.84 -28.16
N GLU B 12 36.83 24.97 -27.51
CA GLU B 12 35.82 26.04 -27.48
C GLU B 12 35.54 26.56 -28.88
N GLN B 13 36.59 26.77 -29.67
CA GLN B 13 36.39 27.27 -31.03
C GLN B 13 35.64 26.26 -31.88
N LEU B 14 35.96 24.97 -31.74
CA LEU B 14 35.24 23.96 -32.49
C LEU B 14 33.77 23.91 -32.09
N LYS B 15 33.49 24.03 -30.79
CA LYS B 15 32.10 24.06 -30.34
C LYS B 15 31.36 25.26 -30.91
N ASN B 16 32.03 26.42 -30.93
CA ASN B 16 31.40 27.62 -31.50
C ASN B 16 31.12 27.43 -32.98
N GLN B 17 32.06 26.83 -33.72
CA GLN B 17 31.84 26.58 -35.14
C GLN B 17 30.67 25.64 -35.36
N ILE B 18 30.58 24.58 -34.55
CA ILE B 18 29.46 23.65 -34.69
C ILE B 18 28.14 24.36 -34.39
N ARG B 19 28.11 25.21 -33.37
CA ARG B 19 26.90 25.98 -33.08
C ARG B 19 26.53 26.87 -34.25
N ASP B 20 27.51 27.54 -34.84
CA ASP B 20 27.23 28.42 -35.97
C ASP B 20 26.69 27.64 -37.16
N ALA B 21 27.27 26.47 -37.44
CA ALA B 21 26.77 25.64 -38.54
C ALA B 21 25.34 25.18 -38.26
N ARG B 22 25.06 24.77 -37.03
CA ARG B 22 23.71 24.33 -36.68
C ARG B 22 22.72 25.47 -36.86
N LYS B 23 23.09 26.69 -36.46
CA LYS B 23 22.23 27.84 -36.69
C LYS B 23 22.03 28.08 -38.18
N ALA B 24 23.11 27.97 -38.96
CA ALA B 24 23.02 28.25 -40.40
C ALA B 24 22.09 27.28 -41.10
N CYS B 25 22.11 26.01 -40.70
CA CYS B 25 21.29 24.99 -41.33
C CYS B 25 19.84 25.00 -40.85
N ALA B 26 19.39 26.08 -40.20
CA ALA B 26 18.02 26.21 -39.73
C ALA B 26 17.33 27.34 -40.48
N ASP B 27 16.15 27.05 -41.02
CA ASP B 27 15.37 28.04 -41.77
C ASP B 27 13.96 28.21 -41.23
N ALA B 28 13.31 27.13 -40.79
CA ALA B 28 11.95 27.20 -40.28
C ALA B 28 11.72 26.03 -39.35
N THR B 29 10.99 26.29 -38.26
CA THR B 29 10.72 25.25 -37.29
C THR B 29 9.74 24.22 -37.83
N LEU B 30 9.80 23.01 -37.28
CA LEU B 30 8.88 21.96 -37.70
C LEU B 30 7.43 22.39 -37.52
N SER B 31 7.16 23.26 -36.55
CA SER B 31 5.79 23.73 -36.35
C SER B 31 5.27 24.47 -37.57
N GLN B 32 6.09 25.35 -38.16
CA GLN B 32 5.65 26.09 -39.33
C GLN B 32 5.37 25.15 -40.50
N ILE B 33 6.21 24.14 -40.69
CA ILE B 33 5.96 23.14 -41.73
C ILE B 33 4.67 22.39 -41.43
N THR B 34 4.45 22.05 -40.16
CA THR B 34 3.25 21.36 -39.72
C THR B 34 2.15 22.32 -39.29
N ASN B 35 2.11 23.52 -39.89
CA ASN B 35 1.16 24.53 -39.45
C ASN B 35 -0.29 24.07 -39.64
N ASN B 36 -0.58 23.39 -40.75
CA ASN B 36 -1.95 23.07 -41.14
C ASN B 36 -2.10 21.58 -41.43
N ILE B 37 -1.61 20.74 -40.51
CA ILE B 37 -1.84 19.30 -40.60
C ILE B 37 -3.14 18.95 -39.89
N ASP B 38 -3.64 17.74 -40.13
CA ASP B 38 -4.89 17.31 -39.51
C ASP B 38 -4.64 16.95 -38.04
N PRO B 39 -5.33 17.57 -37.09
CA PRO B 39 -5.21 17.12 -35.69
C PRO B 39 -5.69 15.68 -35.55
N VAL B 40 -5.00 14.93 -34.70
CA VAL B 40 -5.35 13.51 -34.52
C VAL B 40 -6.68 13.37 -33.80
N GLY B 41 -6.93 14.22 -32.81
CA GLY B 41 -8.14 14.12 -32.01
C GLY B 41 -7.91 13.31 -30.74
N ARG B 42 -8.85 13.46 -29.80
CA ARG B 42 -8.74 12.80 -28.51
C ARG B 42 -8.62 11.29 -28.70
N ILE B 43 -7.69 10.68 -27.97
CA ILE B 43 -7.45 9.25 -28.01
C ILE B 43 -8.02 8.63 -26.75
N GLN B 44 -8.79 7.55 -26.90
CA GLN B 44 -9.51 6.96 -25.77
C GLN B 44 -9.15 5.49 -25.59
N MET B 45 -7.86 5.16 -25.63
CA MET B 45 -7.46 3.78 -25.44
C MET B 45 -7.84 3.31 -24.03
N ARG B 46 -8.18 2.03 -23.93
CA ARG B 46 -8.62 1.45 -22.67
C ARG B 46 -7.94 0.10 -22.47
N THR B 47 -7.82 -0.29 -21.20
CA THR B 47 -7.16 -1.54 -20.86
C THR B 47 -7.93 -2.73 -21.44
N ARG B 48 -7.21 -3.81 -21.73
CA ARG B 48 -7.82 -4.99 -22.30
C ARG B 48 -7.42 -6.25 -21.53
N ARG B 49 -6.25 -6.22 -20.90
CA ARG B 49 -5.74 -7.35 -20.14
C ARG B 49 -5.11 -6.85 -18.85
N THR B 50 -4.73 -7.81 -18.00
CA THR B 50 -3.95 -7.51 -16.81
C THR B 50 -3.31 -8.81 -16.35
N LEU B 51 -1.98 -8.83 -16.27
CA LEU B 51 -1.25 -10.03 -15.94
C LEU B 51 -0.79 -9.97 -14.49
N ARG B 52 -0.98 -11.06 -13.76
CA ARG B 52 -0.64 -11.13 -12.34
C ARG B 52 0.24 -12.34 -12.10
N GLY B 53 1.07 -12.25 -11.07
CA GLY B 53 1.98 -13.33 -10.73
C GLY B 53 3.33 -12.85 -10.25
N HIS B 54 3.73 -11.64 -10.65
CA HIS B 54 4.96 -11.07 -10.15
C HIS B 54 4.79 -10.58 -8.73
N LEU B 55 5.86 -10.68 -7.95
CA LEU B 55 5.83 -10.31 -6.55
C LEU B 55 6.32 -8.88 -6.32
N ALA B 56 7.44 -8.51 -6.92
CA ALA B 56 8.06 -7.20 -6.72
C ALA B 56 7.85 -6.34 -7.96
N LYS B 57 8.41 -5.14 -7.91
CA LYS B 57 8.24 -4.18 -9.00
C LYS B 57 8.96 -4.65 -10.26
N ILE B 58 8.47 -4.17 -11.39
CA ILE B 58 8.93 -4.60 -12.71
C ILE B 58 9.77 -3.48 -13.33
N TYR B 59 10.94 -3.88 -13.84
CA TYR B 59 11.92 -2.92 -14.40
C TYR B 59 11.98 -2.97 -15.94
N ALA B 60 11.67 -4.12 -16.58
CA ALA B 60 11.76 -4.20 -18.02
C ALA B 60 10.88 -5.31 -18.54
N MET B 61 10.27 -5.04 -19.68
CA MET B 61 9.54 -6.05 -20.44
C MET B 61 9.93 -5.90 -21.90
N HIS B 62 10.00 -7.02 -22.62
CA HIS B 62 10.25 -6.98 -24.04
C HIS B 62 9.26 -7.89 -24.74
N TRP B 63 8.98 -7.57 -26.00
CA TRP B 63 8.01 -8.30 -26.79
C TRP B 63 8.70 -9.46 -27.52
N GLY B 64 7.92 -10.18 -28.31
CA GLY B 64 8.46 -11.17 -29.23
C GLY B 64 8.16 -10.75 -30.65
N THR B 65 8.99 -11.21 -31.57
CA THR B 65 8.82 -10.81 -32.97
C THR B 65 7.48 -11.25 -33.52
N ASP B 66 6.82 -12.22 -32.89
CA ASP B 66 5.50 -12.68 -33.33
C ASP B 66 4.37 -11.93 -32.66
N SER B 67 4.68 -10.98 -31.78
CA SER B 67 3.67 -10.12 -31.14
C SER B 67 2.62 -10.92 -30.38
N ARG B 68 3.00 -12.12 -29.91
CA ARG B 68 2.14 -12.91 -29.04
C ARG B 68 2.74 -13.13 -27.67
N LEU B 69 3.97 -13.62 -27.60
CA LEU B 69 4.65 -13.86 -26.34
C LEU B 69 5.47 -12.65 -25.94
N LEU B 70 5.63 -12.46 -24.63
CA LEU B 70 6.49 -11.42 -24.11
C LEU B 70 7.13 -11.90 -22.82
N VAL B 71 8.22 -11.24 -22.44
CA VAL B 71 9.02 -11.61 -21.28
C VAL B 71 9.12 -10.40 -20.37
N SER B 72 8.94 -10.62 -19.07
CA SER B 72 8.99 -9.56 -18.08
C SER B 72 9.91 -9.99 -16.95
N ALA B 73 10.63 -9.01 -16.38
CA ALA B 73 11.60 -9.26 -15.32
C ALA B 73 11.24 -8.42 -14.10
N SER B 74 11.38 -9.04 -12.93
CA SER B 74 11.11 -8.39 -11.65
C SER B 74 12.26 -8.69 -10.71
N GLN B 75 12.28 -8.00 -9.57
CA GLN B 75 13.34 -8.20 -8.58
C GLN B 75 12.94 -9.15 -7.46
N ASP B 76 12.03 -10.07 -7.72
CA ASP B 76 11.89 -11.27 -6.90
C ASP B 76 12.70 -12.42 -7.46
N GLY B 77 13.43 -12.20 -8.55
CA GLY B 77 14.28 -13.21 -9.13
C GLY B 77 13.63 -14.06 -10.20
N LYS B 78 12.59 -13.55 -10.86
CA LYS B 78 11.80 -14.35 -11.80
C LYS B 78 11.79 -13.71 -13.17
N LEU B 79 11.96 -14.55 -14.19
CA LEU B 79 11.67 -14.20 -15.58
C LEU B 79 10.46 -15.02 -16.00
N ILE B 80 9.42 -14.35 -16.46
CA ILE B 80 8.16 -15.00 -16.81
C ILE B 80 7.83 -14.68 -18.25
N ILE B 81 7.47 -15.70 -19.02
CA ILE B 81 7.10 -15.56 -20.42
C ILE B 81 5.60 -15.77 -20.53
N TRP B 82 4.87 -14.72 -20.87
CA TRP B 82 3.42 -14.76 -20.94
C TRP B 82 2.96 -14.94 -22.38
N ASP B 83 1.85 -15.67 -22.53
CA ASP B 83 1.12 -15.73 -23.79
C ASP B 83 -0.01 -14.72 -23.67
N SER B 84 0.20 -13.52 -24.22
CA SER B 84 -0.68 -12.40 -23.93
C SER B 84 -2.12 -12.70 -24.31
N TYR B 85 -2.34 -13.36 -25.46
CA TYR B 85 -3.70 -13.63 -25.91
C TYR B 85 -4.50 -14.36 -24.85
N THR B 86 -3.96 -15.48 -24.35
CA THR B 86 -4.66 -16.30 -23.37
C THR B 86 -4.18 -16.07 -21.94
N THR B 87 -3.20 -15.20 -21.73
CA THR B 87 -2.70 -14.83 -20.41
C THR B 87 -2.06 -15.99 -19.66
N ASN B 88 -1.78 -17.09 -20.33
CA ASN B 88 -1.11 -18.20 -19.68
C ASN B 88 0.36 -17.89 -19.45
N LYS B 89 0.99 -18.66 -18.59
CA LYS B 89 2.43 -18.58 -18.36
C LYS B 89 3.10 -19.74 -19.07
N VAL B 90 3.97 -19.43 -20.02
CA VAL B 90 4.66 -20.48 -20.77
C VAL B 90 5.88 -20.96 -20.00
N HIS B 91 6.71 -20.05 -19.51
CA HIS B 91 7.91 -20.38 -18.78
C HIS B 91 7.98 -19.55 -17.51
N ALA B 92 8.84 -19.98 -16.59
CA ALA B 92 9.15 -19.22 -15.40
C ALA B 92 10.56 -19.59 -14.97
N ILE B 93 11.47 -18.64 -15.02
CA ILE B 93 12.90 -18.88 -14.85
C ILE B 93 13.33 -18.28 -13.51
N PRO B 94 13.81 -19.07 -12.56
CA PRO B 94 14.34 -18.50 -11.31
C PRO B 94 15.77 -18.01 -11.51
N LEU B 95 15.97 -16.71 -11.40
CA LEU B 95 17.27 -16.11 -11.65
C LEU B 95 18.22 -16.39 -10.49
N ARG B 96 19.52 -16.35 -10.79
CA ARG B 96 20.53 -16.53 -9.76
C ARG B 96 20.63 -15.31 -8.86
N SER B 97 20.62 -14.11 -9.44
CA SER B 97 20.67 -12.86 -8.70
C SER B 97 19.35 -12.13 -8.90
N SER B 98 18.76 -11.69 -7.80
CA SER B 98 17.42 -11.12 -7.81
C SER B 98 17.40 -9.64 -8.21
N TRP B 99 18.56 -9.01 -8.40
CA TRP B 99 18.62 -7.59 -8.74
C TRP B 99 18.81 -7.43 -10.25
N VAL B 100 17.70 -7.57 -10.97
CA VAL B 100 17.70 -7.56 -12.43
C VAL B 100 17.08 -6.26 -12.90
N MET B 101 17.74 -5.59 -13.84
CA MET B 101 17.31 -4.28 -14.32
C MET B 101 16.99 -4.25 -15.82
N THR B 102 16.97 -5.40 -16.50
CA THR B 102 16.67 -5.39 -17.92
C THR B 102 16.44 -6.83 -18.39
N CYS B 103 15.78 -6.94 -19.54
CA CYS B 103 15.50 -8.22 -20.16
C CYS B 103 15.33 -8.02 -21.65
N ALA B 104 15.70 -9.05 -22.42
CA ALA B 104 15.59 -9.00 -23.87
C ALA B 104 15.09 -10.33 -24.40
N TYR B 105 14.37 -10.27 -25.51
CA TYR B 105 13.84 -11.44 -26.19
C TYR B 105 14.51 -11.55 -27.55
N ALA B 106 15.11 -12.69 -27.83
CA ALA B 106 15.86 -12.85 -29.07
C ALA B 106 14.91 -12.72 -30.27
N PRO B 107 15.38 -12.17 -31.39
CA PRO B 107 14.51 -12.08 -32.56
C PRO B 107 14.00 -13.44 -33.03
N SER B 108 14.81 -14.47 -32.93
CA SER B 108 14.40 -15.81 -33.33
C SER B 108 13.60 -16.54 -32.27
N GLY B 109 13.53 -16.00 -31.05
CA GLY B 109 12.74 -16.59 -30.00
C GLY B 109 13.40 -17.73 -29.24
N ASN B 110 14.64 -18.09 -29.60
CA ASN B 110 15.29 -19.22 -28.94
C ASN B 110 15.81 -18.85 -27.56
N TYR B 111 16.29 -17.62 -27.38
CA TYR B 111 17.00 -17.24 -26.17
C TYR B 111 16.40 -15.97 -25.56
N VAL B 112 16.63 -15.82 -24.26
CA VAL B 112 16.37 -14.58 -23.54
C VAL B 112 17.61 -14.24 -22.73
N ALA B 113 17.77 -12.95 -22.45
CA ALA B 113 18.92 -12.47 -21.70
C ALA B 113 18.46 -11.46 -20.66
N CYS B 114 19.20 -11.38 -19.56
CA CYS B 114 18.87 -10.46 -18.47
C CYS B 114 20.12 -10.14 -17.68
N GLY B 115 20.18 -8.93 -17.15
CA GLY B 115 21.31 -8.50 -16.35
C GLY B 115 20.90 -7.42 -15.38
N GLY B 116 21.80 -7.09 -14.47
CA GLY B 116 21.52 -6.09 -13.46
C GLY B 116 22.73 -5.69 -12.64
N LEU B 117 22.54 -5.55 -11.33
CA LEU B 117 23.62 -5.09 -10.46
C LEU B 117 24.74 -6.12 -10.36
N ASP B 118 24.53 -7.34 -10.83
CA ASP B 118 25.57 -8.37 -10.77
C ASP B 118 26.66 -8.15 -11.81
N ASN B 119 26.48 -7.17 -12.71
CA ASN B 119 27.48 -6.82 -13.77
C ASN B 119 27.72 -8.02 -14.68
N ILE B 120 26.72 -8.89 -14.88
CA ILE B 120 26.83 -10.05 -15.76
C ILE B 120 25.58 -10.13 -16.62
N CYS B 121 25.76 -10.47 -17.89
CA CYS B 121 24.66 -10.75 -18.80
C CYS B 121 24.57 -12.25 -19.00
N SER B 122 23.40 -12.82 -18.70
CA SER B 122 23.19 -14.26 -18.75
C SER B 122 22.24 -14.60 -19.89
N ILE B 123 22.63 -15.57 -20.72
CA ILE B 123 21.82 -16.01 -21.85
C ILE B 123 21.15 -17.32 -21.48
N TYR B 124 19.87 -17.43 -21.78
CA TYR B 124 19.07 -18.60 -21.45
C TYR B 124 18.58 -19.28 -22.72
N ASN B 125 18.47 -20.61 -22.65
CA ASN B 125 18.03 -21.44 -23.76
C ASN B 125 16.61 -21.90 -23.49
N LEU B 126 15.70 -21.60 -24.43
CA LEU B 126 14.30 -21.96 -24.27
C LEU B 126 13.91 -23.24 -24.99
N LYS B 127 14.61 -23.58 -26.06
CA LYS B 127 14.28 -24.74 -26.89
C LYS B 127 15.17 -25.93 -26.58
N THR B 128 15.60 -26.08 -25.32
CA THR B 128 16.53 -27.17 -24.91
C THR B 128 15.98 -28.52 -25.38
N ARG B 129 16.84 -29.53 -25.49
CA ARG B 129 16.42 -30.89 -25.94
C ARG B 129 15.35 -31.42 -24.98
N GLU B 130 15.60 -31.35 -23.67
CA GLU B 130 14.63 -31.80 -22.64
C GLU B 130 13.48 -30.78 -22.58
N GLY B 131 13.74 -29.55 -23.03
CA GLY B 131 12.74 -28.47 -23.00
C GLY B 131 12.92 -27.59 -21.78
N ASN B 132 13.60 -28.10 -20.75
CA ASN B 132 13.87 -27.35 -19.50
C ASN B 132 14.87 -26.23 -19.80
N VAL B 133 14.59 -25.00 -19.36
CA VAL B 133 15.46 -23.86 -19.63
C VAL B 133 16.71 -23.98 -18.78
N ARG B 134 17.87 -23.73 -19.38
CA ARG B 134 19.16 -23.86 -18.71
C ARG B 134 20.02 -22.65 -19.02
N VAL B 135 20.87 -22.28 -18.07
CA VAL B 135 21.81 -21.18 -18.26
C VAL B 135 22.88 -21.66 -19.24
N SER B 136 22.94 -21.03 -20.41
CA SER B 136 23.83 -21.48 -21.47
C SER B 136 25.08 -20.63 -21.63
N ARG B 137 25.13 -19.45 -21.03
CA ARG B 137 26.29 -18.54 -21.24
C ARG B 137 26.28 -17.42 -20.21
N GLU B 138 27.45 -17.01 -19.75
CA GLU B 138 27.59 -15.88 -18.85
C GLU B 138 28.68 -14.97 -19.39
N LEU B 139 28.33 -13.72 -19.67
CA LEU B 139 29.25 -12.75 -20.25
C LEU B 139 29.72 -11.81 -19.15
N ALA B 140 30.99 -11.95 -18.76
CA ALA B 140 31.59 -11.14 -17.71
C ALA B 140 32.68 -10.25 -18.29
N GLY B 141 32.82 -9.06 -17.72
CA GLY B 141 33.80 -8.12 -18.22
C GLY B 141 33.42 -6.65 -18.10
N HIS B 142 32.17 -6.35 -17.79
CA HIS B 142 31.70 -4.95 -17.57
C HIS B 142 32.09 -4.55 -16.15
N THR B 143 32.38 -3.26 -15.89
CA THR B 143 32.84 -2.78 -14.56
C THR B 143 31.73 -1.98 -13.87
N GLY B 144 30.47 -2.15 -14.28
CA GLY B 144 29.33 -1.44 -13.68
C GLY B 144 28.03 -2.17 -13.92
N TYR B 145 26.95 -1.77 -13.25
CA TYR B 145 25.61 -2.39 -13.42
C TYR B 145 25.21 -2.31 -14.89
N LEU B 146 24.59 -3.37 -15.41
CA LEU B 146 24.09 -3.37 -16.82
C LEU B 146 22.68 -2.77 -16.82
N SER B 147 22.43 -1.76 -17.64
CA SER B 147 21.16 -1.06 -17.71
C SER B 147 20.38 -1.32 -19.00
N CYS B 148 20.95 -2.04 -19.97
CA CYS B 148 20.22 -2.34 -21.19
C CYS B 148 21.02 -3.35 -22.00
N CYS B 149 20.30 -4.19 -22.74
CA CYS B 149 20.91 -5.15 -23.64
C CYS B 149 19.95 -5.41 -24.79
N ARG B 150 20.50 -5.70 -25.96
CA ARG B 150 19.69 -5.90 -27.15
C ARG B 150 20.36 -6.95 -28.04
N PHE B 151 19.57 -7.90 -28.52
CA PHE B 151 20.08 -8.95 -29.39
C PHE B 151 20.25 -8.42 -30.81
N LEU B 152 21.40 -8.68 -31.41
CA LEU B 152 21.56 -8.47 -32.84
C LEU B 152 21.13 -9.69 -33.63
N ASP B 153 21.53 -10.87 -33.18
CA ASP B 153 21.07 -12.15 -33.71
C ASP B 153 21.30 -13.19 -32.61
N ASP B 154 21.21 -14.47 -32.98
CA ASP B 154 21.35 -15.52 -31.98
C ASP B 154 22.77 -15.64 -31.45
N ASN B 155 23.74 -14.95 -32.05
CA ASN B 155 25.14 -15.06 -31.66
C ASN B 155 25.83 -13.71 -31.48
N GLN B 156 25.08 -12.65 -31.19
CA GLN B 156 25.64 -11.34 -30.93
C GLN B 156 24.67 -10.54 -30.06
N ILE B 157 25.22 -9.74 -29.16
CA ILE B 157 24.41 -8.92 -28.26
C ILE B 157 25.19 -7.67 -27.90
N VAL B 158 24.49 -6.55 -27.79
CA VAL B 158 25.09 -5.26 -27.44
C VAL B 158 24.52 -4.83 -26.10
N THR B 159 25.42 -4.46 -25.18
CA THR B 159 25.04 -4.09 -23.82
C THR B 159 25.61 -2.73 -23.46
N SER B 160 24.91 -2.03 -22.58
CA SER B 160 25.36 -0.74 -22.07
C SER B 160 25.33 -0.79 -20.55
N SER B 161 26.44 -0.40 -19.91
CA SER B 161 26.57 -0.41 -18.44
C SER B 161 26.80 1.01 -17.92
N GLY B 162 26.62 1.23 -16.60
CA GLY B 162 26.81 2.56 -15.99
C GLY B 162 28.26 2.98 -15.97
N ASP B 163 29.18 2.10 -16.37
CA ASP B 163 30.63 2.42 -16.42
C ASP B 163 30.93 3.27 -17.66
N THR B 164 29.92 3.93 -18.26
CA THR B 164 30.10 4.86 -19.38
C THR B 164 30.63 4.17 -20.62
N THR B 165 30.26 2.91 -20.85
CA THR B 165 30.72 2.18 -22.02
C THR B 165 29.63 1.24 -22.52
N CYS B 166 29.58 1.06 -23.83
CA CYS B 166 28.76 0.06 -24.48
C CYS B 166 29.67 -0.97 -25.15
N ALA B 167 29.25 -2.24 -25.12
CA ALA B 167 30.08 -3.32 -25.58
C ALA B 167 29.31 -4.20 -26.56
N LEU B 168 30.06 -4.90 -27.40
CA LEU B 168 29.52 -5.89 -28.32
C LEU B 168 30.13 -7.24 -28.00
N TRP B 169 29.29 -8.26 -27.85
CA TRP B 169 29.73 -9.56 -27.36
C TRP B 169 29.58 -10.62 -28.44
N ASP B 170 30.47 -11.62 -28.45
CA ASP B 170 30.37 -12.75 -29.40
C ASP B 170 29.80 -13.93 -28.62
N ILE B 171 28.50 -14.18 -28.70
CA ILE B 171 27.85 -15.24 -27.86
C ILE B 171 28.50 -16.59 -28.17
N GLU B 172 29.23 -16.72 -29.28
CA GLU B 172 29.89 -17.98 -29.70
C GLU B 172 30.98 -18.38 -28.70
N THR B 173 31.87 -17.46 -28.34
CA THR B 173 33.01 -17.73 -27.41
C THR B 173 32.88 -16.87 -26.16
N GLY B 174 31.89 -15.98 -26.10
CA GLY B 174 31.68 -15.07 -24.96
C GLY B 174 32.92 -14.20 -24.71
N GLN B 175 33.48 -13.59 -25.76
CA GLN B 175 34.66 -12.69 -25.64
C GLN B 175 34.27 -11.32 -26.17
N GLN B 176 34.57 -10.24 -25.44
CA GLN B 176 34.14 -8.92 -25.87
C GLN B 176 34.84 -8.55 -27.18
N THR B 177 34.06 -8.15 -28.18
CA THR B 177 34.60 -7.91 -29.51
C THR B 177 34.87 -6.45 -29.79
N THR B 178 34.07 -5.53 -29.24
CA THR B 178 34.27 -4.11 -29.47
C THR B 178 33.86 -3.35 -28.22
N THR B 179 34.45 -2.17 -28.04
CA THR B 179 34.14 -1.30 -26.91
C THR B 179 33.86 0.10 -27.42
N PHE B 180 32.73 0.66 -27.01
CA PHE B 180 32.34 2.01 -27.38
C PHE B 180 32.52 2.93 -26.19
N THR B 181 33.22 4.04 -26.41
CA THR B 181 33.57 4.97 -25.33
C THR B 181 33.34 6.40 -25.78
N GLY B 182 33.16 7.28 -24.80
CA GLY B 182 32.98 8.69 -25.09
C GLY B 182 32.01 9.39 -24.14
N HIS B 183 31.17 8.64 -23.44
CA HIS B 183 30.24 9.23 -22.50
C HIS B 183 30.95 9.57 -21.20
N THR B 184 30.40 10.56 -20.50
CA THR B 184 30.91 10.98 -19.19
C THR B 184 29.95 10.63 -18.06
N GLY B 185 28.87 9.88 -18.33
CA GLY B 185 27.94 9.48 -17.31
C GLY B 185 27.37 8.13 -17.63
N ASP B 186 26.68 7.56 -16.64
CA ASP B 186 26.10 6.22 -16.82
C ASP B 186 25.19 6.20 -18.02
N VAL B 187 25.30 5.14 -18.82
CA VAL B 187 24.47 4.95 -20.01
C VAL B 187 23.20 4.25 -19.57
N MET B 188 22.06 4.93 -19.71
CA MET B 188 20.81 4.45 -19.15
C MET B 188 19.95 3.70 -20.16
N SER B 189 20.34 3.62 -21.42
CA SER B 189 19.54 2.94 -22.42
C SER B 189 20.30 2.91 -23.74
N LEU B 190 19.71 2.24 -24.72
CA LEU B 190 20.22 2.23 -26.09
C LEU B 190 19.10 1.77 -27.01
N SER B 191 19.35 1.78 -28.31
CA SER B 191 18.30 1.44 -29.27
C SER B 191 18.94 1.06 -30.59
N LEU B 192 18.73 -0.19 -31.03
CA LEU B 192 19.25 -0.63 -32.30
C LEU B 192 18.47 0.00 -33.45
N ALA B 193 19.19 0.29 -34.54
CA ALA B 193 18.55 0.82 -35.73
C ALA B 193 17.70 -0.26 -36.41
N PRO B 194 16.72 0.15 -37.22
CA PRO B 194 15.99 -0.86 -37.99
C PRO B 194 16.88 -1.72 -38.86
N ASP B 195 17.90 -1.13 -39.47
CA ASP B 195 18.88 -1.91 -40.23
C ASP B 195 19.95 -2.53 -39.35
N THR B 196 19.94 -2.24 -38.05
CA THR B 196 20.88 -2.84 -37.10
C THR B 196 22.33 -2.57 -37.51
N ARG B 197 22.61 -1.34 -37.96
CA ARG B 197 23.96 -0.90 -38.23
C ARG B 197 24.35 0.34 -37.44
N LEU B 198 23.40 1.02 -36.81
CA LEU B 198 23.69 2.14 -35.92
C LEU B 198 22.84 1.99 -34.67
N PHE B 199 23.30 2.60 -33.58
CA PHE B 199 22.52 2.65 -32.36
C PHE B 199 22.93 3.86 -31.55
N VAL B 200 22.06 4.26 -30.63
CA VAL B 200 22.27 5.44 -29.80
C VAL B 200 22.33 5.00 -28.34
N SER B 201 22.64 5.96 -27.48
CA SER B 201 22.67 5.73 -26.04
C SER B 201 22.39 7.05 -25.34
N GLY B 202 21.65 6.97 -24.25
CA GLY B 202 21.37 8.14 -23.43
C GLY B 202 22.09 8.07 -22.11
N ALA B 203 23.01 9.00 -21.87
CA ALA B 203 23.83 8.99 -20.67
C ALA B 203 23.33 10.01 -19.68
N CYS B 204 23.87 9.95 -18.46
CA CYS B 204 23.52 10.86 -17.39
C CYS B 204 24.24 12.20 -17.49
N ASP B 205 24.84 12.50 -18.64
CA ASP B 205 25.44 13.82 -18.88
C ASP B 205 24.54 14.70 -19.73
N ALA B 206 23.31 14.26 -20.03
CA ALA B 206 22.38 15.02 -20.86
C ALA B 206 22.90 15.16 -22.29
N SER B 207 23.32 14.03 -22.87
CA SER B 207 23.81 14.01 -24.24
C SER B 207 23.62 12.62 -24.83
N ALA B 208 23.27 12.57 -26.11
CA ALA B 208 23.06 11.32 -26.82
C ALA B 208 24.07 11.22 -27.96
N LYS B 209 24.64 10.02 -28.13
CA LYS B 209 25.68 9.79 -29.11
C LYS B 209 25.25 8.71 -30.09
N LEU B 210 25.72 8.82 -31.32
CA LEU B 210 25.39 7.91 -32.40
C LEU B 210 26.63 7.13 -32.78
N TRP B 211 26.51 5.80 -32.78
CA TRP B 211 27.66 4.91 -32.98
C TRP B 211 27.53 4.15 -34.28
N ASP B 212 28.68 3.69 -34.77
CA ASP B 212 28.76 2.75 -35.89
C ASP B 212 29.17 1.40 -35.32
N VAL B 213 28.35 0.37 -35.58
CA VAL B 213 28.53 -0.90 -34.90
C VAL B 213 29.85 -1.55 -35.30
N ARG B 214 30.26 -1.40 -36.56
CA ARG B 214 31.46 -2.07 -37.04
C ARG B 214 32.73 -1.32 -36.64
N GLU B 215 32.85 -0.06 -37.07
CA GLU B 215 34.07 0.69 -36.83
C GLU B 215 34.29 0.99 -35.35
N GLY B 216 33.22 1.09 -34.58
CA GLY B 216 33.34 1.44 -33.17
C GLY B 216 33.85 2.84 -32.92
N MET B 217 33.34 3.83 -33.66
CA MET B 217 33.64 5.23 -33.41
C MET B 217 32.35 6.03 -33.40
N CYS B 218 32.23 6.94 -32.43
CA CYS B 218 31.07 7.81 -32.38
C CYS B 218 31.05 8.75 -33.58
N ARG B 219 29.85 9.06 -34.06
CA ARG B 219 29.67 9.87 -35.25
C ARG B 219 29.13 11.26 -34.98
N GLN B 220 28.25 11.41 -33.98
CA GLN B 220 27.64 12.70 -33.69
C GLN B 220 27.38 12.79 -32.20
N THR B 221 26.88 13.95 -31.79
CA THR B 221 26.53 14.19 -30.39
C THR B 221 25.45 15.25 -30.35
N PHE B 222 24.33 14.93 -29.73
CA PHE B 222 23.16 15.82 -29.68
C PHE B 222 22.97 16.30 -28.25
N THR B 223 22.77 17.61 -28.10
CA THR B 223 22.62 18.24 -26.80
C THR B 223 21.41 19.15 -26.81
N GLY B 224 20.96 19.50 -25.60
CA GLY B 224 19.79 20.35 -25.45
C GLY B 224 18.97 20.03 -24.22
N HIS B 225 19.13 18.82 -23.69
CA HIS B 225 18.43 18.46 -22.45
C HIS B 225 19.12 19.10 -21.26
N GLU B 226 18.34 19.33 -20.20
CA GLU B 226 18.85 19.99 -19.01
C GLU B 226 19.42 19.01 -17.99
N SER B 227 18.94 17.76 -17.98
CA SER B 227 19.32 16.80 -16.97
C SER B 227 19.46 15.43 -17.62
N ASP B 228 19.55 14.40 -16.77
CA ASP B 228 19.81 13.04 -17.24
C ASP B 228 18.81 12.64 -18.32
N ILE B 229 19.19 11.63 -19.10
CA ILE B 229 18.31 11.03 -20.09
C ILE B 229 18.04 9.59 -19.67
N ASN B 230 16.77 9.23 -19.53
CA ASN B 230 16.41 7.93 -18.99
C ASN B 230 16.03 6.92 -20.07
N ALA B 231 15.56 7.38 -21.22
CA ALA B 231 15.06 6.48 -22.26
C ALA B 231 15.29 7.10 -23.62
N ILE B 232 15.28 6.23 -24.64
CA ILE B 232 15.54 6.66 -26.01
C ILE B 232 14.93 5.62 -26.95
N CYS B 233 14.64 6.04 -28.17
CA CYS B 233 14.03 5.14 -29.16
C CYS B 233 14.04 5.80 -30.52
N PHE B 234 14.29 5.00 -31.56
CA PHE B 234 14.42 5.51 -32.94
C PHE B 234 13.11 5.58 -33.71
N PHE B 235 12.86 6.72 -34.37
CA PHE B 235 11.70 6.83 -35.24
C PHE B 235 11.62 5.59 -36.12
N PRO B 236 10.41 5.18 -36.54
CA PRO B 236 10.32 3.96 -37.36
C PRO B 236 11.17 3.99 -38.61
N ASN B 237 11.29 5.15 -39.27
CA ASN B 237 12.04 5.22 -40.52
C ASN B 237 13.55 5.29 -40.30
N GLY B 238 14.01 5.48 -39.07
CA GLY B 238 15.43 5.43 -38.78
C GLY B 238 16.20 6.68 -39.15
N ASN B 239 15.56 7.85 -39.15
CA ASN B 239 16.24 9.11 -39.44
C ASN B 239 15.92 10.15 -38.38
N ALA B 240 15.66 9.72 -37.15
CA ALA B 240 15.38 10.60 -36.02
C ALA B 240 15.18 9.71 -34.80
N PHE B 241 15.04 10.34 -33.65
CA PHE B 241 14.72 9.61 -32.44
C PHE B 241 14.26 10.59 -31.37
N ALA B 242 13.84 10.06 -30.24
CA ALA B 242 13.34 10.85 -29.13
C ALA B 242 13.96 10.36 -27.83
N THR B 243 13.87 11.20 -26.80
CA THR B 243 14.50 10.89 -25.52
C THR B 243 13.66 11.47 -24.39
N GLY B 244 13.78 10.87 -23.22
CA GLY B 244 13.13 11.38 -22.03
C GLY B 244 14.15 11.79 -20.99
N SER B 245 13.93 12.94 -20.35
CA SER B 245 14.89 13.49 -19.41
C SER B 245 14.18 13.90 -18.12
N ASP B 246 14.96 13.99 -17.04
CA ASP B 246 14.42 14.35 -15.74
C ASP B 246 13.91 15.79 -15.70
N ASP B 247 14.25 16.61 -16.69
CA ASP B 247 13.70 17.97 -16.73
C ASP B 247 12.25 18.01 -17.14
N ALA B 248 11.59 16.85 -17.27
CA ALA B 248 10.16 16.77 -17.56
C ALA B 248 9.84 17.27 -18.97
N THR B 249 10.65 16.84 -19.94
CA THR B 249 10.39 17.15 -21.34
C THR B 249 10.94 16.04 -22.22
N CYS B 250 10.39 15.93 -23.42
CA CYS B 250 10.88 15.03 -24.45
C CYS B 250 11.24 15.86 -25.67
N ARG B 251 12.30 15.46 -26.37
CA ARG B 251 12.76 16.18 -27.54
C ARG B 251 13.07 15.18 -28.65
N LEU B 252 12.89 15.61 -29.89
CA LEU B 252 13.07 14.78 -31.07
C LEU B 252 14.22 15.33 -31.89
N PHE B 253 15.24 14.50 -32.11
CA PHE B 253 16.41 14.87 -32.90
C PHE B 253 16.37 14.17 -34.25
N ASP B 254 17.00 14.79 -35.24
CA ASP B 254 17.07 14.25 -36.59
C ASP B 254 18.53 14.15 -37.01
N LEU B 255 18.95 12.97 -37.42
CA LEU B 255 20.36 12.72 -37.67
C LEU B 255 20.89 13.62 -38.79
N ARG B 256 20.14 13.74 -39.88
CA ARG B 256 20.64 14.45 -41.05
C ARG B 256 20.79 15.94 -40.77
N ALA B 257 19.79 16.55 -40.14
CA ALA B 257 19.89 17.97 -39.83
C ALA B 257 20.83 18.23 -38.67
N ASP B 258 21.00 17.25 -37.78
CA ASP B 258 22.01 17.31 -36.73
C ASP B 258 21.66 18.30 -35.63
N GLN B 259 20.37 18.57 -35.43
CA GLN B 259 19.96 19.50 -34.39
C GLN B 259 18.55 19.17 -33.94
N GLU B 260 18.17 19.73 -32.79
CA GLU B 260 16.88 19.44 -32.20
C GLU B 260 15.75 19.97 -33.06
N LEU B 261 14.62 19.25 -33.07
CA LEU B 261 13.47 19.58 -33.89
C LEU B 261 12.27 20.05 -33.09
N MET B 262 11.87 19.30 -32.06
CA MET B 262 10.65 19.61 -31.34
C MET B 262 10.84 19.29 -29.86
N THR B 263 10.03 19.92 -29.02
CA THR B 263 10.03 19.66 -27.59
C THR B 263 8.59 19.64 -27.09
N TYR B 264 8.28 18.67 -26.24
CA TYR B 264 6.93 18.45 -25.73
C TYR B 264 6.93 18.78 -24.24
N SER B 265 6.46 19.97 -23.89
CA SER B 265 6.48 20.46 -22.53
C SER B 265 5.14 21.08 -22.17
N HIS B 266 4.68 20.82 -20.95
CA HIS B 266 3.49 21.43 -20.40
C HIS B 266 3.76 21.90 -18.98
N ASP B 267 3.14 23.02 -18.60
CA ASP B 267 3.39 23.59 -17.28
C ASP B 267 2.99 22.61 -16.18
N ASN B 268 1.85 21.94 -16.36
CA ASN B 268 1.36 21.02 -15.33
C ASN B 268 2.36 19.92 -15.04
N ILE B 269 3.04 19.42 -16.07
CA ILE B 269 3.96 18.30 -15.92
C ILE B 269 5.26 18.82 -15.33
N ILE B 270 5.61 18.34 -14.12
CA ILE B 270 6.82 18.76 -13.45
C ILE B 270 7.60 17.54 -12.96
N CYS B 271 7.39 16.40 -13.61
CA CYS B 271 8.06 15.16 -13.24
C CYS B 271 8.78 14.59 -14.46
N GLY B 272 9.70 13.66 -14.20
CA GLY B 272 10.52 13.11 -15.26
C GLY B 272 9.83 12.01 -16.05
N ILE B 273 10.50 11.61 -17.13
CA ILE B 273 10.01 10.57 -18.02
C ILE B 273 10.87 9.32 -17.82
N THR B 274 10.23 8.16 -17.77
CA THR B 274 10.92 6.90 -17.52
C THR B 274 10.99 5.99 -18.74
N SER B 275 10.34 6.35 -19.84
CA SER B 275 10.32 5.50 -21.02
C SER B 275 9.65 6.26 -22.15
N VAL B 276 9.94 5.83 -23.38
CA VAL B 276 9.33 6.40 -24.58
C VAL B 276 9.24 5.33 -25.64
N SER B 277 8.32 5.51 -26.58
CA SER B 277 8.20 4.62 -27.71
C SER B 277 7.20 5.21 -28.69
N PHE B 278 7.49 5.08 -29.98
CA PHE B 278 6.59 5.52 -31.02
C PHE B 278 5.57 4.43 -31.36
N SER B 279 4.50 4.83 -32.02
CA SER B 279 3.53 3.89 -32.55
C SER B 279 4.10 3.28 -33.84
N LYS B 280 3.29 2.52 -34.56
CA LYS B 280 3.80 1.86 -35.76
C LYS B 280 4.11 2.86 -36.86
N SER B 281 3.24 3.86 -37.04
CA SER B 281 3.42 4.85 -38.09
C SER B 281 4.21 6.07 -37.62
N GLY B 282 4.55 6.14 -36.34
CA GLY B 282 5.33 7.26 -35.83
C GLY B 282 4.62 8.59 -35.88
N ARG B 283 3.34 8.62 -35.54
CA ARG B 283 2.58 9.86 -35.41
C ARG B 283 2.27 10.21 -33.96
N LEU B 284 2.43 9.27 -33.04
CA LEU B 284 2.24 9.51 -31.62
C LEU B 284 3.52 9.17 -30.87
N LEU B 285 3.55 9.54 -29.60
CA LEU B 285 4.76 9.36 -28.78
C LEU B 285 4.30 9.09 -27.35
N LEU B 286 4.19 7.81 -27.01
CA LEU B 286 3.88 7.43 -25.64
C LEU B 286 5.09 7.67 -24.75
N ALA B 287 4.85 7.92 -23.47
CA ALA B 287 5.93 8.21 -22.53
C ALA B 287 5.40 8.07 -21.12
N GLY B 288 6.08 7.27 -20.30
CA GLY B 288 5.64 7.03 -18.94
C GLY B 288 6.30 7.98 -17.97
N TYR B 289 5.48 8.60 -17.12
CA TYR B 289 5.95 9.57 -16.15
C TYR B 289 5.99 8.97 -14.75
N ASP B 290 6.72 9.66 -13.86
CA ASP B 290 6.80 9.23 -12.47
C ASP B 290 5.54 9.54 -11.69
N ASP B 291 4.67 10.42 -12.20
CA ASP B 291 3.38 10.70 -11.56
C ASP B 291 2.32 9.68 -11.93
N PHE B 292 2.73 8.46 -12.30
CA PHE B 292 1.89 7.29 -12.41
C PHE B 292 1.10 7.26 -13.70
N ASN B 293 1.38 8.16 -14.63
CA ASN B 293 0.57 8.31 -15.83
C ASN B 293 1.43 8.15 -17.08
N CYS B 294 0.74 8.00 -18.21
CA CYS B 294 1.35 8.05 -19.53
C CYS B 294 0.64 9.12 -20.34
N ASN B 295 1.31 9.63 -21.36
CA ASN B 295 0.75 10.67 -22.20
C ASN B 295 1.08 10.39 -23.66
N VAL B 296 0.07 10.54 -24.52
CA VAL B 296 0.22 10.32 -25.95
C VAL B 296 0.37 11.69 -26.60
N TRP B 297 1.57 12.00 -27.07
CA TRP B 297 1.91 13.31 -27.57
C TRP B 297 1.76 13.35 -29.08
N ASP B 298 1.09 14.38 -29.60
CA ASP B 298 0.96 14.55 -31.04
C ASP B 298 2.29 14.97 -31.62
N ALA B 299 3.07 14.00 -32.11
CA ALA B 299 4.46 14.26 -32.44
C ALA B 299 4.63 15.43 -33.40
N LEU B 300 3.71 15.59 -34.34
CA LEU B 300 3.83 16.61 -35.37
C LEU B 300 3.25 17.96 -34.96
N LYS B 301 2.64 18.05 -33.78
CA LYS B 301 2.13 19.33 -33.28
C LYS B 301 2.47 19.59 -31.82
N ALA B 302 2.95 18.60 -31.08
CA ALA B 302 3.36 18.70 -29.68
C ALA B 302 2.17 18.89 -28.75
N ASP B 303 0.95 19.01 -29.25
CA ASP B 303 -0.21 19.11 -28.40
C ASP B 303 -0.59 17.74 -27.88
N ARG B 304 -0.82 17.63 -26.57
CA ARG B 304 -1.15 16.35 -25.99
C ARG B 304 -2.46 15.82 -26.59
N ALA B 305 -2.51 14.51 -26.78
CA ALA B 305 -3.69 13.86 -27.35
C ALA B 305 -4.56 13.23 -26.27
N GLY B 306 -3.99 12.33 -25.47
CA GLY B 306 -4.73 11.66 -24.43
C GLY B 306 -3.87 11.21 -23.27
N VAL B 307 -4.45 10.40 -22.37
CA VAL B 307 -3.74 9.92 -21.19
C VAL B 307 -4.17 8.48 -20.93
N LEU B 308 -3.23 7.66 -20.48
CA LEU B 308 -3.51 6.28 -20.09
C LEU B 308 -3.37 6.18 -18.58
N ALA B 309 -4.45 6.48 -17.88
CA ALA B 309 -4.47 6.44 -16.43
C ALA B 309 -5.02 5.10 -15.94
N GLY B 310 -4.51 4.65 -14.80
CA GLY B 310 -4.95 3.38 -14.25
C GLY B 310 -3.87 2.60 -13.53
N HIS B 311 -2.62 3.07 -13.62
CA HIS B 311 -1.52 2.43 -12.91
C HIS B 311 -1.44 3.00 -11.49
N ASP B 312 -1.29 2.10 -10.52
CA ASP B 312 -1.29 2.49 -9.12
C ASP B 312 0.08 2.89 -8.61
N ASN B 313 1.13 2.75 -9.44
CA ASN B 313 2.47 3.12 -9.03
C ASN B 313 3.28 3.48 -10.28
N ARG B 314 4.53 3.85 -10.05
CA ARG B 314 5.40 4.37 -11.11
C ARG B 314 5.40 3.49 -12.35
N VAL B 315 5.55 4.09 -13.51
CA VAL B 315 5.67 3.37 -14.78
C VAL B 315 7.14 3.30 -15.13
N SER B 316 7.68 2.09 -15.22
CA SER B 316 9.11 1.89 -15.41
C SER B 316 9.47 1.33 -16.78
N CYS B 317 8.52 0.75 -17.50
CA CYS B 317 8.82 0.17 -18.81
C CYS B 317 7.60 0.33 -19.70
N LEU B 318 7.84 0.23 -21.01
CA LEU B 318 6.79 0.49 -21.99
C LEU B 318 7.22 0.01 -23.37
N GLY B 319 6.39 -0.79 -24.02
CA GLY B 319 6.73 -1.33 -25.32
C GLY B 319 5.51 -1.47 -26.19
N VAL B 320 5.75 -1.45 -27.50
CA VAL B 320 4.70 -1.56 -28.51
C VAL B 320 5.05 -2.71 -29.45
N THR B 321 4.06 -3.55 -29.73
CA THR B 321 4.28 -4.72 -30.57
C THR B 321 4.82 -4.30 -31.93
N ASP B 322 5.43 -5.27 -32.63
CA ASP B 322 5.95 -5.01 -33.96
C ASP B 322 4.84 -4.60 -34.92
N ASP B 323 3.71 -5.29 -34.87
CA ASP B 323 2.60 -5.01 -35.77
C ASP B 323 1.71 -3.87 -35.27
N GLY B 324 2.05 -3.25 -34.14
CA GLY B 324 1.29 -2.12 -33.64
C GLY B 324 -0.12 -2.47 -33.22
N MET B 325 -0.30 -3.63 -32.61
CA MET B 325 -1.61 -4.06 -32.15
C MET B 325 -1.86 -3.74 -30.68
N ALA B 326 -0.83 -3.75 -29.85
CA ALA B 326 -1.02 -3.60 -28.42
C ALA B 326 0.14 -2.83 -27.80
N VAL B 327 -0.15 -2.20 -26.66
CA VAL B 327 0.84 -1.48 -25.87
C VAL B 327 0.84 -2.09 -24.48
N ALA B 328 2.01 -2.54 -24.02
CA ALA B 328 2.16 -3.09 -22.69
C ALA B 328 2.96 -2.11 -21.84
N THR B 329 2.56 -1.98 -20.58
CA THR B 329 3.21 -1.04 -19.66
C THR B 329 3.34 -1.72 -18.30
N GLY B 330 4.53 -2.20 -17.99
CA GLY B 330 4.81 -2.64 -16.65
C GLY B 330 4.90 -1.46 -15.70
N SER B 331 4.85 -1.75 -14.41
CA SER B 331 4.82 -0.70 -13.40
C SER B 331 5.38 -1.26 -12.10
N TRP B 332 5.65 -0.34 -11.18
CA TRP B 332 6.22 -0.72 -9.89
C TRP B 332 5.20 -1.41 -8.99
N ASP B 333 3.93 -1.45 -9.37
CA ASP B 333 2.92 -2.19 -8.62
C ASP B 333 2.90 -3.67 -8.97
N SER B 334 3.79 -4.12 -9.86
CA SER B 334 3.91 -5.53 -10.20
C SER B 334 2.77 -6.02 -11.10
N PHE B 335 2.25 -5.15 -11.96
CA PHE B 335 1.23 -5.51 -12.92
C PHE B 335 1.66 -5.10 -14.32
N LEU B 336 1.11 -5.80 -15.31
CA LEU B 336 1.24 -5.43 -16.71
C LEU B 336 -0.15 -5.26 -17.30
N LYS B 337 -0.34 -4.21 -18.08
CA LYS B 337 -1.62 -3.91 -18.66
C LYS B 337 -1.48 -3.75 -20.17
N ILE B 338 -2.29 -4.47 -20.92
CA ILE B 338 -2.30 -4.41 -22.38
C ILE B 338 -3.43 -3.49 -22.79
N TRP B 339 -3.12 -2.49 -23.62
CA TRP B 339 -4.07 -1.45 -24.00
C TRP B 339 -4.29 -1.48 -25.50
N ASN B 340 -5.52 -1.19 -25.91
CA ASN B 340 -5.86 -1.04 -27.33
C ASN B 340 -6.64 0.25 -27.54
N SER C 4 45.48 14.58 -17.99
CA SER C 4 44.35 15.31 -18.55
C SER C 4 44.68 15.81 -19.96
N ILE C 5 45.97 15.89 -20.28
CA ILE C 5 46.38 16.34 -21.60
C ILE C 5 45.87 15.38 -22.67
N ALA C 6 45.99 14.07 -22.42
CA ALA C 6 45.50 13.10 -23.37
C ALA C 6 43.98 13.21 -23.55
N GLN C 7 43.26 13.41 -22.44
CA GLN C 7 41.82 13.56 -22.53
C GLN C 7 41.44 14.79 -23.35
N ALA C 8 42.12 15.91 -23.11
CA ALA C 8 41.84 17.11 -23.89
C ALA C 8 42.16 16.91 -25.36
N ARG C 9 43.27 16.23 -25.66
CA ARG C 9 43.62 15.94 -27.04
C ARG C 9 42.55 15.11 -27.72
N LYS C 10 42.08 14.06 -27.03
CA LYS C 10 41.03 13.21 -27.60
C LYS C 10 39.74 13.99 -27.81
N LEU C 11 39.38 14.84 -26.85
CA LEU C 11 38.16 15.63 -27.00
C LEU C 11 38.25 16.58 -28.18
N VAL C 12 39.41 17.24 -28.35
CA VAL C 12 39.59 18.14 -29.48
C VAL C 12 39.53 17.37 -30.79
N GLU C 13 40.16 16.19 -30.84
CA GLU C 13 40.13 15.40 -32.06
C GLU C 13 38.71 14.99 -32.42
N GLN C 14 37.93 14.55 -31.42
CA GLN C 14 36.56 14.15 -31.70
C GLN C 14 35.72 15.33 -32.16
N LEU C 15 35.88 16.50 -31.52
CA LEU C 15 35.14 17.67 -31.95
C LEU C 15 35.50 18.05 -33.38
N LYS C 16 36.79 18.01 -33.72
CA LYS C 16 37.19 18.32 -35.09
C LYS C 16 36.59 17.33 -36.08
N MET C 17 36.61 16.04 -35.74
CA MET C 17 36.06 15.04 -36.63
C MET C 17 34.57 15.26 -36.85
N GLU C 18 33.84 15.60 -35.78
CA GLU C 18 32.40 15.82 -35.89
C GLU C 18 32.07 17.18 -36.51
N ALA C 19 33.03 18.09 -36.61
CA ALA C 19 32.74 19.41 -37.16
C ALA C 19 32.33 19.32 -38.63
N ASN C 20 32.99 18.45 -39.40
CA ASN C 20 32.80 18.38 -40.85
C ASN C 20 31.89 17.20 -41.20
N ILE C 21 30.58 17.44 -41.10
CA ILE C 21 29.57 16.48 -41.50
C ILE C 21 28.48 17.21 -42.28
N ASP C 22 27.97 16.56 -43.31
CA ASP C 22 26.93 17.16 -44.14
C ASP C 22 25.69 17.44 -43.30
N ARG C 23 25.04 18.57 -43.57
CA ARG C 23 23.85 19.00 -42.83
C ARG C 23 22.83 19.52 -43.83
N ILE C 24 21.85 18.68 -44.19
CA ILE C 24 20.76 19.15 -45.02
C ILE C 24 19.91 20.15 -44.24
N LYS C 25 19.09 20.91 -44.96
CA LYS C 25 18.25 21.89 -44.32
C LYS C 25 17.22 21.21 -43.43
N VAL C 26 16.90 21.87 -42.31
CA VAL C 26 15.98 21.28 -41.34
C VAL C 26 14.61 21.09 -41.95
N SER C 27 14.13 22.07 -42.73
CA SER C 27 12.83 21.95 -43.36
C SER C 27 12.72 20.67 -44.19
N LYS C 28 13.83 20.23 -44.79
CA LYS C 28 13.80 18.97 -45.53
C LYS C 28 13.54 17.80 -44.59
N ALA C 29 14.16 17.80 -43.41
CA ALA C 29 13.89 16.74 -42.44
C ALA C 29 12.44 16.77 -41.99
N ALA C 30 11.90 17.95 -41.75
CA ALA C 30 10.49 18.06 -41.38
C ALA C 30 9.59 17.51 -42.47
N ALA C 31 9.88 17.85 -43.72
CA ALA C 31 9.08 17.35 -44.84
C ALA C 31 9.18 15.84 -44.93
N ASP C 32 10.37 15.28 -44.73
CA ASP C 32 10.52 13.83 -44.78
C ASP C 32 9.71 13.15 -43.68
N LEU C 33 9.77 13.69 -42.46
CA LEU C 33 8.99 13.09 -41.38
C LEU C 33 7.50 13.19 -41.66
N MET C 34 7.04 14.34 -42.15
CA MET C 34 5.63 14.49 -42.50
C MET C 34 5.22 13.47 -43.57
N ALA C 35 6.06 13.32 -44.60
CA ALA C 35 5.75 12.39 -45.67
C ALA C 35 5.66 10.96 -45.16
N TYR C 36 6.60 10.57 -44.29
CA TYR C 36 6.55 9.21 -43.76
C TYR C 36 5.31 9.01 -42.91
N CYS C 37 4.96 10.01 -42.10
CA CYS C 37 3.78 9.88 -41.25
C CYS C 37 2.52 9.73 -42.08
N GLU C 38 2.40 10.50 -43.16
CA GLU C 38 1.20 10.41 -44.00
C GLU C 38 1.18 9.11 -44.79
N ALA C 39 2.34 8.67 -45.30
CA ALA C 39 2.37 7.50 -46.16
C ALA C 39 1.94 6.25 -45.41
N HIS C 40 2.41 6.06 -44.18
CA HIS C 40 2.10 4.88 -43.37
C HIS C 40 1.00 5.17 -42.35
N ALA C 41 0.06 6.04 -42.68
CA ALA C 41 -0.98 6.41 -41.72
C ALA C 41 -2.00 5.30 -41.52
N LYS C 42 -2.15 4.41 -42.49
CA LYS C 42 -3.20 3.39 -42.47
C LYS C 42 -2.74 2.08 -41.84
N GLU C 43 -1.53 2.01 -41.31
CA GLU C 43 -1.02 0.83 -40.65
C GLU C 43 -0.79 1.07 -39.15
N ASP C 44 -1.61 1.92 -38.54
CA ASP C 44 -1.48 2.27 -37.14
C ASP C 44 -2.84 2.07 -36.47
N PRO C 45 -3.12 0.87 -35.96
CA PRO C 45 -4.42 0.66 -35.29
C PRO C 45 -4.65 1.60 -34.13
N LEU C 46 -3.61 1.94 -33.37
CA LEU C 46 -3.79 2.83 -32.22
C LEU C 46 -4.28 4.19 -32.66
N LEU C 47 -3.71 4.74 -33.72
CA LEU C 47 -4.15 6.05 -34.21
C LEU C 47 -5.60 6.01 -34.66
N THR C 48 -5.99 4.95 -35.38
CA THR C 48 -7.35 4.78 -35.86
C THR C 48 -7.81 3.37 -35.53
N PRO C 49 -8.59 3.17 -34.45
CA PRO C 49 -8.98 1.81 -34.05
C PRO C 49 -9.58 1.01 -35.19
N VAL C 50 -9.71 -0.30 -34.99
CA VAL C 50 -10.23 -1.22 -35.98
C VAL C 50 -11.46 -1.89 -35.39
N PRO C 51 -12.32 -2.47 -36.23
CA PRO C 51 -13.50 -3.16 -35.69
C PRO C 51 -13.10 -4.28 -34.75
N ALA C 52 -13.97 -4.54 -33.77
CA ALA C 52 -13.64 -5.49 -32.71
C ALA C 52 -13.35 -6.88 -33.25
N SER C 53 -13.81 -7.21 -34.45
CA SER C 53 -13.54 -8.53 -35.01
C SER C 53 -12.05 -8.75 -35.23
N GLU C 54 -11.34 -7.72 -35.71
CA GLU C 54 -9.93 -7.86 -36.04
C GLU C 54 -9.01 -7.77 -34.83
N ASN C 55 -9.50 -7.28 -33.70
CA ASN C 55 -8.66 -7.13 -32.52
C ASN C 55 -8.55 -8.48 -31.80
N PRO C 56 -7.34 -9.01 -31.58
CA PRO C 56 -7.21 -10.29 -30.88
C PRO C 56 -7.25 -10.18 -29.36
N PHE C 57 -7.29 -8.96 -28.81
CA PHE C 57 -7.30 -8.75 -27.38
C PHE C 57 -8.70 -8.45 -26.84
N ARG C 58 -9.74 -8.66 -27.65
CA ARG C 58 -11.11 -8.40 -27.22
C ARG C 58 -11.41 -9.04 -25.87
N GLN D 1 24.10 23.68 -24.27
CA GLN D 1 24.16 22.64 -23.21
C GLN D 1 24.51 23.26 -21.87
N VAL D 2 24.52 22.44 -20.83
CA VAL D 2 24.89 22.93 -19.50
C VAL D 2 26.31 23.45 -19.55
N GLN D 3 26.50 24.68 -19.07
CA GLN D 3 27.82 25.32 -19.11
C GLN D 3 27.90 26.33 -17.99
N LEU D 4 28.89 26.15 -17.11
CA LEU D 4 29.10 27.04 -15.96
C LEU D 4 30.48 27.69 -16.08
N GLN D 5 30.50 29.01 -16.08
CA GLN D 5 31.73 29.78 -16.24
C GLN D 5 31.94 30.67 -15.02
N GLU D 6 33.14 30.59 -14.44
CA GLU D 6 33.46 31.32 -13.22
C GLU D 6 34.35 32.52 -13.56
N SER D 7 34.73 33.25 -12.51
CA SER D 7 35.59 34.42 -12.64
C SER D 7 35.88 34.92 -11.23
N GLY D 8 36.76 35.93 -11.15
CA GLY D 8 37.04 36.60 -9.90
C GLY D 8 38.23 36.06 -9.12
N GLY D 9 38.79 34.93 -9.53
CA GLY D 9 39.93 34.37 -8.83
C GLY D 9 41.12 35.30 -8.82
N GLY D 10 42.21 34.89 -8.18
CA GLY D 10 43.40 35.72 -8.15
C GLY D 10 44.26 35.38 -6.95
N LEU D 11 45.17 36.30 -6.63
CA LEU D 11 46.09 36.16 -5.52
C LEU D 11 45.85 37.27 -4.52
N VAL D 12 45.89 36.94 -3.23
CA VAL D 12 45.61 37.89 -2.17
C VAL D 12 46.32 37.46 -0.90
N GLN D 13 46.70 38.43 -0.07
CA GLN D 13 47.36 38.15 1.19
C GLN D 13 46.36 37.61 2.20
N PRO D 14 46.86 37.00 3.29
CA PRO D 14 45.94 36.48 4.31
C PRO D 14 45.02 37.56 4.85
N GLY D 15 43.78 37.19 5.12
CA GLY D 15 42.77 38.14 5.54
C GLY D 15 42.19 38.98 4.43
N GLY D 16 42.46 38.65 3.18
CA GLY D 16 41.96 39.41 2.06
C GLY D 16 40.53 39.07 1.71
N SER D 17 40.06 39.66 0.61
CA SER D 17 38.69 39.48 0.17
C SER D 17 38.64 39.40 -1.35
N LEU D 18 37.80 38.52 -1.87
CA LEU D 18 37.59 38.37 -3.29
C LEU D 18 36.15 37.94 -3.52
N ARG D 19 35.66 38.18 -4.73
CA ARG D 19 34.29 37.81 -5.12
C ARG D 19 34.36 36.83 -6.28
N LEU D 20 33.65 35.71 -6.15
CA LEU D 20 33.63 34.66 -7.16
C LEU D 20 32.27 34.70 -7.85
N SER D 21 32.24 35.20 -9.09
CA SER D 21 31.04 35.24 -9.89
C SER D 21 30.98 34.02 -10.79
N CYS D 22 29.80 33.41 -10.88
CA CYS D 22 29.58 32.18 -11.62
C CYS D 22 28.57 32.48 -12.73
N ALA D 23 29.07 32.65 -13.96
CA ALA D 23 28.22 32.93 -15.11
C ALA D 23 27.67 31.61 -15.64
N ALA D 24 26.35 31.43 -15.52
CA ALA D 24 25.69 30.18 -15.87
C ALA D 24 24.75 30.40 -17.05
N SER D 25 24.69 29.42 -17.94
CA SER D 25 23.81 29.47 -19.08
C SER D 25 23.48 28.05 -19.51
N GLY D 26 22.40 27.91 -20.29
CA GLY D 26 22.00 26.62 -20.80
C GLY D 26 20.91 25.92 -20.02
N PHE D 27 20.23 26.60 -19.10
CA PHE D 27 19.12 26.00 -18.38
C PHE D 27 18.39 27.09 -17.60
N THR D 28 17.26 26.71 -17.02
CA THR D 28 16.46 27.64 -16.22
C THR D 28 17.06 27.74 -14.82
N PHE D 29 17.63 28.90 -14.51
CA PHE D 29 18.44 29.04 -13.29
C PHE D 29 17.61 28.86 -12.03
N SER D 30 16.38 29.35 -12.03
CA SER D 30 15.61 29.45 -10.79
C SER D 30 14.97 28.14 -10.37
N ASN D 31 15.04 27.08 -11.18
CA ASN D 31 14.45 25.80 -10.83
C ASN D 31 15.40 24.87 -10.09
N TYR D 32 16.68 25.22 -9.98
CA TYR D 32 17.71 24.31 -9.50
C TYR D 32 18.37 24.84 -8.23
N LYS D 33 18.75 23.91 -7.36
CA LYS D 33 19.62 24.23 -6.24
C LYS D 33 21.04 24.45 -6.75
N MET D 34 21.87 25.05 -5.90
CA MET D 34 23.24 25.38 -6.29
C MET D 34 24.19 25.12 -5.12
N ASN D 35 25.47 24.97 -5.45
CA ASN D 35 26.49 24.60 -4.48
C ASN D 35 27.82 25.23 -4.87
N TRP D 36 28.73 25.33 -3.91
CA TRP D 36 30.12 25.67 -4.15
C TRP D 36 30.98 24.52 -3.65
N VAL D 37 31.86 24.03 -4.52
CA VAL D 37 32.75 22.91 -4.18
C VAL D 37 34.16 23.28 -4.61
N ARG D 38 35.11 23.10 -3.70
CA ARG D 38 36.51 23.45 -3.93
C ARG D 38 37.39 22.23 -3.70
N GLN D 39 38.52 22.19 -4.42
CA GLN D 39 39.47 21.09 -4.35
C GLN D 39 40.85 21.66 -4.02
N ALA D 40 41.29 21.48 -2.78
CA ALA D 40 42.61 21.94 -2.38
C ALA D 40 43.68 20.98 -2.87
N PRO D 41 44.93 21.44 -2.95
CA PRO D 41 45.99 20.57 -3.49
C PRO D 41 46.12 19.29 -2.68
N GLY D 42 46.33 18.19 -3.39
CA GLY D 42 46.52 16.90 -2.75
C GLY D 42 45.38 16.50 -1.84
N LYS D 43 44.14 16.70 -2.31
CA LYS D 43 42.98 16.41 -1.49
C LYS D 43 41.81 16.04 -2.39
N GLY D 44 40.80 15.43 -1.79
CA GLY D 44 39.56 15.14 -2.49
C GLY D 44 38.68 16.36 -2.60
N LEU D 45 37.55 16.17 -3.27
CA LEU D 45 36.62 17.28 -3.47
C LEU D 45 35.91 17.62 -2.17
N GLU D 46 35.54 18.88 -2.03
CA GLU D 46 34.96 19.42 -0.81
C GLU D 46 33.65 20.13 -1.13
N TRP D 47 32.86 20.36 -0.08
CA TRP D 47 31.58 21.07 -0.20
C TRP D 47 31.62 22.28 0.73
N VAL D 48 31.20 23.43 0.22
CA VAL D 48 31.30 24.66 0.99
C VAL D 48 29.92 25.19 1.38
N SER D 49 29.10 25.56 0.39
CA SER D 49 27.87 26.28 0.63
C SER D 49 26.81 25.84 -0.37
N ASP D 50 25.61 26.40 -0.22
CA ASP D 50 24.50 26.12 -1.12
C ASP D 50 23.46 27.23 -0.96
N ILE D 51 22.39 27.14 -1.75
CA ILE D 51 21.29 28.08 -1.66
C ILE D 51 20.14 27.51 -2.46
N SER D 52 18.91 27.73 -1.97
CA SER D 52 17.75 27.06 -2.54
C SER D 52 17.33 27.74 -3.84
N GLN D 53 16.17 27.32 -4.36
CA GLN D 53 15.68 27.82 -5.64
C GLN D 53 15.42 29.33 -5.59
N SER D 54 14.47 29.75 -4.76
CA SER D 54 14.20 31.17 -4.60
C SER D 54 15.43 31.89 -4.05
N GLY D 55 16.08 31.29 -3.07
CA GLY D 55 17.30 31.85 -2.51
C GLY D 55 17.19 32.18 -1.03
N ALA D 56 16.20 31.58 -0.36
CA ALA D 56 16.00 31.85 1.06
C ALA D 56 16.93 30.99 1.92
N SER D 57 16.77 29.67 1.84
CA SER D 57 17.52 28.78 2.73
C SER D 57 18.99 28.74 2.33
N ILE D 58 19.87 28.83 3.33
CA ILE D 58 21.31 28.83 3.13
C ILE D 58 21.95 27.85 4.10
N SER D 59 23.13 27.37 3.75
CA SER D 59 23.87 26.45 4.60
C SER D 59 25.35 26.54 4.28
N TYR D 60 26.19 26.45 5.32
CA TYR D 60 27.62 26.60 5.20
C TYR D 60 28.32 25.37 5.77
N THR D 61 29.52 25.09 5.25
CA THR D 61 30.32 24.01 5.79
C THR D 61 30.78 24.37 7.21
N GLY D 62 31.51 23.45 7.81
CA GLY D 62 31.90 23.62 9.21
C GLY D 62 32.75 24.85 9.45
N SER D 63 33.77 25.06 8.61
CA SER D 63 34.83 25.99 8.92
C SER D 63 34.84 27.23 8.01
N VAL D 64 33.68 27.69 7.55
CA VAL D 64 33.62 28.96 6.82
C VAL D 64 32.47 29.79 7.36
N LYS D 65 31.82 29.32 8.42
CA LYS D 65 30.65 30.01 8.94
C LYS D 65 30.99 31.43 9.35
N GLY D 66 30.15 32.38 8.95
CA GLY D 66 30.33 33.78 9.29
C GLY D 66 31.31 34.52 8.42
N ARG D 67 31.93 33.86 7.44
CA ARG D 67 32.91 34.50 6.56
C ARG D 67 32.38 34.73 5.16
N PHE D 68 31.87 33.70 4.50
CA PHE D 68 31.42 33.80 3.12
C PHE D 68 29.89 33.84 3.07
N THR D 69 29.37 34.67 2.17
CA THR D 69 27.93 34.91 2.05
C THR D 69 27.47 34.51 0.64
N ILE D 70 27.03 33.27 0.50
CA ILE D 70 26.43 32.83 -0.76
C ILE D 70 25.27 33.76 -1.10
N SER D 71 25.06 33.99 -2.40
CA SER D 71 23.93 34.76 -2.87
C SER D 71 23.80 34.58 -4.37
N ARG D 72 22.58 34.42 -4.85
CA ARG D 72 22.30 34.17 -6.26
C ARG D 72 21.39 35.26 -6.80
N ASP D 73 21.78 35.82 -7.95
CA ASP D 73 20.97 36.81 -8.65
C ASP D 73 20.19 36.09 -9.74
N ASN D 74 19.05 35.52 -9.34
CA ASN D 74 18.25 34.72 -10.28
C ASN D 74 17.84 35.54 -11.50
N ALA D 75 17.71 36.86 -11.34
CA ALA D 75 17.36 37.70 -12.47
C ALA D 75 18.47 37.71 -13.53
N LYS D 76 19.72 37.81 -13.10
CA LYS D 76 20.86 37.86 -14.01
C LYS D 76 21.56 36.51 -14.17
N ASN D 77 21.04 35.46 -13.54
CA ASN D 77 21.55 34.11 -13.73
C ASN D 77 23.03 34.02 -13.35
N THR D 78 23.31 34.27 -12.07
CA THR D 78 24.68 34.23 -11.58
C THR D 78 24.71 33.94 -10.08
N LEU D 79 25.74 33.22 -9.65
CA LEU D 79 25.93 32.83 -8.27
C LEU D 79 27.16 33.53 -7.72
N TYR D 80 27.10 33.98 -6.47
CA TYR D 80 28.15 34.76 -5.85
C TYR D 80 28.78 34.01 -4.68
N LEU D 81 29.95 34.50 -4.27
CA LEU D 81 30.57 34.09 -3.01
C LEU D 81 31.50 35.22 -2.58
N GLN D 82 31.04 36.03 -1.63
CA GLN D 82 31.81 37.17 -1.14
C GLN D 82 32.81 36.67 -0.10
N MET D 83 34.08 36.53 -0.50
CA MET D 83 35.11 35.99 0.37
C MET D 83 35.65 37.08 1.29
N ASN D 84 35.86 36.74 2.56
CA ASN D 84 36.42 37.66 3.53
C ASN D 84 37.23 36.87 4.55
N SER D 85 38.22 37.55 5.14
CA SER D 85 39.03 36.97 6.21
C SER D 85 39.61 35.62 5.79
N LEU D 86 40.38 35.64 4.71
CA LEU D 86 40.95 34.41 4.19
C LEU D 86 42.09 33.93 5.08
N LYS D 87 42.45 32.67 4.89
CA LYS D 87 43.48 31.99 5.67
C LYS D 87 44.40 31.23 4.73
N PRO D 88 45.58 30.83 5.21
CA PRO D 88 46.53 30.15 4.30
C PRO D 88 45.96 28.91 3.64
N GLU D 89 45.10 28.15 4.33
CA GLU D 89 44.55 26.92 3.78
C GLU D 89 43.24 27.16 3.02
N ASP D 90 43.02 28.37 2.52
CA ASP D 90 41.93 28.65 1.61
C ASP D 90 42.34 28.45 0.14
N THR D 91 43.62 28.19 -0.12
CA THR D 91 44.10 28.01 -1.48
C THR D 91 43.51 26.73 -2.07
N ALA D 92 42.76 26.88 -3.16
CA ALA D 92 42.14 25.73 -3.82
C ALA D 92 41.41 26.22 -5.05
N VAL D 93 41.16 25.30 -5.98
CA VAL D 93 40.27 25.59 -7.09
C VAL D 93 38.83 25.58 -6.58
N TYR D 94 37.98 26.40 -7.20
CA TYR D 94 36.60 26.55 -6.77
C TYR D 94 35.69 26.32 -7.97
N TYR D 95 34.88 25.27 -7.91
CA TYR D 95 33.98 24.90 -8.99
C TYR D 95 32.56 25.33 -8.64
N CYS D 96 31.92 26.06 -9.55
CA CYS D 96 30.50 26.34 -9.44
C CYS D 96 29.70 25.13 -9.87
N ALA D 97 28.86 24.61 -8.97
CA ALA D 97 28.18 23.34 -9.18
C ALA D 97 26.68 23.57 -9.32
N ARG D 98 26.05 22.67 -10.06
CA ARG D 98 24.61 22.68 -10.27
C ARG D 98 24.05 21.35 -9.79
N CYS D 99 22.77 21.34 -9.42
CA CYS D 99 22.22 20.18 -8.76
C CYS D 99 21.45 19.33 -9.78
N PRO D 100 21.58 18.00 -9.72
CA PRO D 100 21.23 17.20 -10.91
C PRO D 100 19.81 17.37 -11.43
N ALA D 101 18.83 17.60 -10.57
CA ALA D 101 17.45 17.64 -11.02
C ALA D 101 16.73 18.87 -10.50
N PRO D 102 15.69 19.33 -11.20
CA PRO D 102 14.95 20.50 -10.73
C PRO D 102 13.78 20.12 -9.85
N PHE D 103 13.29 21.11 -9.10
CA PHE D 103 12.09 20.99 -8.28
C PHE D 103 12.26 20.04 -7.12
N THR D 104 13.45 19.44 -6.98
CA THR D 104 13.66 18.44 -5.95
C THR D 104 14.51 19.00 -4.81
N ARG D 105 14.48 18.28 -3.68
CA ARG D 105 15.32 18.65 -2.54
C ARG D 105 16.58 17.80 -2.48
N ASP D 106 16.46 16.49 -2.71
CA ASP D 106 17.64 15.64 -2.77
C ASP D 106 18.58 16.12 -3.88
N CYS D 107 19.89 16.13 -3.56
CA CYS D 107 20.87 16.74 -4.44
C CYS D 107 22.10 15.84 -4.57
N PHE D 108 21.86 14.58 -4.89
CA PHE D 108 22.92 13.58 -4.99
C PHE D 108 24.05 14.03 -5.92
N ASP D 109 25.24 13.49 -5.65
CA ASP D 109 26.32 13.36 -6.64
C ASP D 109 27.01 14.67 -7.02
N VAL D 110 26.76 15.76 -6.30
CA VAL D 110 27.44 17.00 -6.63
C VAL D 110 28.94 16.87 -6.38
N THR D 111 29.34 16.09 -5.39
CA THR D 111 30.75 15.98 -5.01
C THR D 111 31.50 14.90 -5.77
N SER D 112 30.83 14.18 -6.67
CA SER D 112 31.46 13.03 -7.31
C SER D 112 32.75 13.43 -8.01
N THR D 113 33.57 12.42 -8.30
CA THR D 113 34.86 12.65 -8.93
C THR D 113 34.71 13.07 -10.39
N THR D 114 33.58 12.75 -11.01
CA THR D 114 33.34 13.03 -12.42
C THR D 114 31.93 13.56 -12.63
N TYR D 115 31.49 14.48 -11.79
CA TYR D 115 30.18 15.11 -11.99
C TYR D 115 30.16 15.83 -13.32
N ALA D 116 29.02 15.78 -14.00
CA ALA D 116 28.91 16.27 -15.37
C ALA D 116 28.52 17.74 -15.47
N TYR D 117 27.73 18.24 -14.53
CA TYR D 117 27.23 19.61 -14.57
C TYR D 117 28.06 20.56 -13.72
N ARG D 118 29.32 20.21 -13.45
CA ARG D 118 30.18 21.03 -12.61
C ARG D 118 30.98 22.01 -13.47
N GLY D 119 31.32 23.15 -12.89
CA GLY D 119 32.00 24.20 -13.61
C GLY D 119 33.47 23.91 -13.83
N GLN D 120 34.11 24.79 -14.62
CA GLN D 120 35.51 24.62 -14.94
C GLN D 120 36.40 24.90 -13.74
N GLY D 121 36.14 26.00 -13.04
CA GLY D 121 36.85 26.33 -11.83
C GLY D 121 37.80 27.51 -12.02
N THR D 122 38.09 28.17 -10.91
CA THR D 122 39.04 29.28 -10.85
C THR D 122 39.95 29.09 -9.65
N GLN D 123 41.25 29.32 -9.84
CA GLN D 123 42.22 29.07 -8.78
C GLN D 123 42.39 30.32 -7.94
N VAL D 124 42.02 30.23 -6.67
CA VAL D 124 42.19 31.31 -5.71
C VAL D 124 43.38 30.95 -4.82
N THR D 125 44.40 31.79 -4.84
CA THR D 125 45.60 31.60 -4.04
C THR D 125 45.69 32.70 -2.99
N VAL D 126 46.15 32.33 -1.79
CA VAL D 126 46.25 33.29 -0.70
C VAL D 126 47.71 33.62 -0.40
N HIS E 1 -26.70 -14.39 25.94
CA HIS E 1 -26.77 -13.10 25.21
C HIS E 1 -28.01 -12.33 25.64
N ALA E 2 -27.95 -10.99 25.62
CA ALA E 2 -29.08 -10.11 26.01
C ALA E 2 -30.21 -10.24 24.99
N GLU E 3 -29.91 -10.62 23.75
CA GLU E 3 -30.92 -10.75 22.68
C GLU E 3 -31.71 -12.03 22.92
N GLY E 4 -31.29 -12.84 23.89
CA GLY E 4 -31.96 -14.13 24.19
C GLY E 4 -32.68 -14.11 25.52
N THR E 5 -32.29 -13.25 26.46
CA THR E 5 -33.06 -13.15 27.74
C THR E 5 -34.29 -12.27 27.55
N PHE E 6 -34.14 -11.19 26.77
CA PHE E 6 -35.28 -10.28 26.54
C PHE E 6 -36.38 -11.07 25.83
N THR E 7 -36.01 -11.91 24.87
CA THR E 7 -37.05 -12.65 24.11
C THR E 7 -37.83 -13.56 25.06
N SER E 8 -37.12 -14.23 25.99
CA SER E 8 -37.81 -15.09 26.98
C SER E 8 -38.73 -14.25 27.87
N ASP E 9 -38.28 -13.07 28.31
CA ASP E 9 -39.23 -12.31 29.15
C ASP E 9 -40.46 -11.93 28.33
N VAL E 10 -40.25 -11.52 27.08
CA VAL E 10 -41.43 -11.02 26.33
C VAL E 10 -42.39 -12.20 26.20
N SER E 11 -41.83 -13.37 25.91
CA SER E 11 -42.70 -14.54 25.68
C SER E 11 -43.47 -14.85 26.96
N XCP E 12 -42.77 -15.18 28.03
CB XCP E 12 -43.44 -15.48 29.29
CG XCP E 12 -42.69 -16.57 30.05
CD XCP E 12 -42.83 -16.22 31.53
CE XCP E 12 -43.48 -14.84 31.65
CA XCP E 12 -43.52 -14.27 30.24
C XCP E 12 -44.75 -13.45 30.01
O XCP E 12 -45.86 -13.88 30.07
N TYR E 13 -44.39 -12.21 29.70
CA TYR E 13 -45.43 -11.18 29.46
C TYR E 13 -46.59 -11.69 28.61
N LEU E 14 -46.36 -12.07 27.36
CA LEU E 14 -47.47 -12.42 26.45
C LEU E 14 -48.24 -13.65 26.96
N GLU E 15 -47.54 -14.64 27.47
CA GLU E 15 -48.21 -15.89 27.94
C GLU E 15 -49.14 -15.53 29.08
N GLY E 16 -48.72 -14.65 29.98
CA GLY E 16 -49.63 -14.22 31.05
C GLY E 16 -50.79 -13.38 30.50
N GLN E 17 -50.51 -12.49 29.55
CA GLN E 17 -51.55 -11.56 29.01
C GLN E 17 -52.47 -12.32 28.06
N ALA E 18 -51.89 -13.08 27.12
CA ALA E 18 -52.73 -13.85 26.23
C ALA E 18 -53.65 -14.78 27.00
N ALA E 19 -53.15 -15.40 28.06
CA ALA E 19 -54.01 -16.26 28.87
C ALA E 19 -55.14 -15.47 29.52
N LYS E 20 -54.83 -14.29 30.05
CA LYS E 20 -55.85 -13.46 30.66
C LYS E 20 -56.88 -13.02 29.63
N GLU E 21 -56.44 -12.65 28.44
CA GLU E 21 -57.38 -12.28 27.38
C GLU E 21 -58.28 -13.44 27.01
N PHE E 22 -57.70 -14.65 26.93
CA PHE E 22 -58.50 -15.83 26.61
C PHE E 22 -59.54 -16.10 27.68
N ILE E 23 -59.15 -15.98 28.96
CA ILE E 23 -60.11 -16.20 30.04
C ILE E 23 -61.20 -15.13 29.99
N ALA E 24 -60.83 -13.89 29.72
CA ALA E 24 -61.83 -12.82 29.61
C ALA E 24 -62.81 -13.10 28.47
N TRP E 25 -62.29 -13.55 27.33
CA TRP E 25 -63.18 -13.91 26.23
C TRP E 25 -64.12 -15.04 26.62
N LEU E 26 -63.60 -16.03 27.35
CA LEU E 26 -64.46 -17.12 27.80
C LEU E 26 -65.56 -16.62 28.72
N VAL E 27 -65.22 -15.73 29.66
CA VAL E 27 -66.21 -15.22 30.58
C VAL E 27 -67.29 -14.44 29.83
N LYS E 28 -66.89 -13.59 28.89
CA LYS E 28 -67.83 -12.81 28.11
C LYS E 28 -68.61 -13.69 27.14
N VAL F 39 -48.39 -19.66 33.49
CA VAL F 39 -49.15 -20.73 32.85
C VAL F 39 -49.21 -20.45 31.36
N SER F 40 -48.87 -21.46 30.56
CA SER F 40 -48.93 -21.32 29.11
C SER F 40 -50.38 -21.24 28.66
N LEU F 41 -50.60 -20.52 27.56
CA LEU F 41 -51.96 -20.38 27.03
C LEU F 41 -52.53 -21.74 26.64
N TRP F 42 -51.72 -22.58 26.00
CA TRP F 42 -52.20 -23.92 25.67
C TRP F 42 -52.51 -24.72 26.94
N GLU F 43 -51.71 -24.52 27.99
CA GLU F 43 -52.02 -25.17 29.26
C GLU F 43 -53.36 -24.70 29.82
N THR F 44 -53.61 -23.39 29.75
CA THR F 44 -54.90 -22.87 30.23
C THR F 44 -56.05 -23.44 29.41
N VAL F 45 -55.88 -23.52 28.09
CA VAL F 45 -56.92 -24.09 27.24
C VAL F 45 -57.17 -25.55 27.61
N GLN F 46 -56.10 -26.31 27.83
CA GLN F 46 -56.26 -27.71 28.20
C GLN F 46 -56.98 -27.85 29.54
N LYS F 47 -56.62 -27.01 30.51
CA LYS F 47 -57.30 -27.07 31.80
C LYS F 47 -58.78 -26.72 31.67
N TRP F 48 -59.10 -25.70 30.87
CA TRP F 48 -60.50 -25.33 30.70
C TRP F 48 -61.27 -26.43 29.98
N ARG F 49 -60.67 -27.05 28.97
CA ARG F 49 -61.32 -28.18 28.31
C ARG F 49 -61.56 -29.34 29.27
N GLU F 50 -60.58 -29.61 30.14
CA GLU F 50 -60.77 -30.67 31.13
C GLU F 50 -61.92 -30.33 32.07
N TYR F 51 -61.99 -29.07 32.52
CA TYR F 51 -63.09 -28.67 33.40
C TYR F 51 -64.43 -28.78 32.68
N ARG F 52 -64.48 -28.38 31.41
CA ARG F 52 -65.73 -28.46 30.65
C ARG F 52 -66.16 -29.92 30.49
N ARG F 53 -65.20 -30.81 30.20
CA ARG F 53 -65.52 -32.23 30.09
C ARG F 53 -66.04 -32.77 31.41
N GLN F 54 -65.40 -32.39 32.52
CA GLN F 54 -65.87 -32.82 33.83
C GLN F 54 -67.29 -32.34 34.09
N CYS F 55 -67.57 -31.08 33.78
CA CYS F 55 -68.90 -30.53 34.00
C CYS F 55 -69.94 -31.24 33.14
N GLN F 56 -69.61 -31.50 31.87
CA GLN F 56 -70.53 -32.20 30.99
C GLN F 56 -70.81 -33.61 31.49
N ARG F 57 -69.77 -34.30 31.97
CA ARG F 57 -69.94 -35.64 32.51
C ARG F 57 -70.81 -35.61 33.78
N SER F 58 -70.60 -34.61 34.64
CA SER F 58 -71.30 -34.57 35.91
C SER F 58 -72.77 -34.19 35.74
N LEU F 59 -73.06 -33.19 34.90
CA LEU F 59 -74.42 -32.73 34.78
C LEU F 59 -75.35 -33.84 34.27
N THR F 60 -74.82 -34.77 33.48
CA THR F 60 -75.60 -35.93 33.08
C THR F 60 -75.83 -36.87 34.26
N GLU F 61 -74.89 -36.90 35.22
CA GLU F 61 -75.04 -37.72 36.41
C GLU F 61 -75.63 -36.96 37.59
N ASP F 62 -75.63 -35.64 37.55
CA ASP F 62 -76.18 -34.86 38.64
C ASP F 62 -77.70 -35.07 38.72
N PRO F 63 -78.25 -35.48 39.85
CA PRO F 63 -79.68 -35.72 39.94
C PRO F 63 -80.44 -34.40 40.06
N PRO F 64 -81.76 -34.41 39.85
CA PRO F 64 -82.53 -33.19 40.04
C PRO F 64 -82.49 -32.75 41.49
N PRO F 65 -82.65 -31.45 41.76
CA PRO F 65 -82.57 -30.98 43.14
C PRO F 65 -83.82 -31.30 43.95
N ALA F 66 -84.75 -32.06 43.36
CA ALA F 66 -86.00 -32.43 44.04
C ALA F 66 -86.78 -31.19 44.45
N THR F 67 -86.76 -30.17 43.61
CA THR F 67 -87.47 -28.93 43.85
C THR F 67 -88.28 -28.57 42.61
N ASP F 68 -89.54 -28.17 42.82
CA ASP F 68 -90.40 -27.81 41.71
C ASP F 68 -89.91 -26.52 41.06
N LEU F 69 -90.02 -26.47 39.73
CA LEU F 69 -89.61 -25.29 38.96
C LEU F 69 -88.16 -24.92 39.25
N PHE F 70 -87.31 -25.93 39.38
CA PHE F 70 -85.90 -25.70 39.64
C PHE F 70 -85.18 -25.30 38.36
N CYS F 71 -84.27 -24.33 38.49
CA CYS F 71 -83.48 -23.91 37.34
C CYS F 71 -82.62 -25.06 36.85
N ASN F 72 -82.63 -25.27 35.53
CA ASN F 72 -81.85 -26.35 34.94
C ASN F 72 -80.36 -26.03 35.01
N ARG F 73 -79.57 -27.02 35.43
CA ARG F 73 -78.13 -26.84 35.47
C ARG F 73 -77.59 -26.56 34.07
N THR F 74 -76.73 -25.55 33.96
CA THR F 74 -76.24 -25.11 32.66
C THR F 74 -74.78 -24.73 32.77
N PHE F 75 -74.09 -24.76 31.63
CA PHE F 75 -72.69 -24.37 31.52
C PHE F 75 -72.59 -23.15 30.61
N ASP F 76 -71.97 -22.09 31.11
CA ASP F 76 -71.87 -20.82 30.41
C ASP F 76 -70.44 -20.48 29.99
N GLU F 77 -69.63 -21.51 29.72
CA GLU F 77 -68.25 -21.38 29.27
C GLU F 77 -67.33 -20.77 30.32
N TYR F 78 -67.80 -20.58 31.54
CA TYR F 78 -66.98 -20.08 32.63
C TYR F 78 -67.01 -20.97 33.86
N ALA F 79 -68.16 -21.58 34.17
CA ALA F 79 -68.27 -22.45 35.33
C ALA F 79 -69.48 -23.35 35.14
N CYS F 80 -69.53 -24.41 35.94
CA CYS F 80 -70.63 -25.36 35.92
C CYS F 80 -71.66 -24.96 36.96
N TRP F 81 -72.90 -24.72 36.53
CA TRP F 81 -73.96 -24.30 37.42
C TRP F 81 -74.86 -25.47 37.73
N PRO F 82 -74.88 -26.00 38.97
CA PRO F 82 -75.86 -27.04 39.31
C PRO F 82 -77.28 -26.50 39.25
N ASP F 83 -78.26 -27.36 39.45
CA ASP F 83 -79.65 -26.92 39.41
C ASP F 83 -79.90 -25.85 40.48
N GLY F 84 -80.55 -24.77 40.08
CA GLY F 84 -80.81 -23.64 40.97
C GLY F 84 -82.20 -23.73 41.56
N GLU F 85 -82.27 -23.58 42.87
CA GLU F 85 -83.55 -23.62 43.56
C GLU F 85 -84.40 -22.42 43.16
N PRO F 86 -85.72 -22.59 43.08
CA PRO F 86 -86.57 -21.47 42.67
C PRO F 86 -86.49 -20.31 43.67
N GLY F 87 -86.49 -19.09 43.13
CA GLY F 87 -86.51 -17.90 43.96
C GLY F 87 -85.36 -17.82 44.94
N SER F 88 -84.16 -18.20 44.50
CA SER F 88 -83.00 -18.16 45.38
C SER F 88 -81.74 -18.04 44.53
N PHE F 89 -80.67 -17.57 45.17
CA PHE F 89 -79.38 -17.45 44.50
C PHE F 89 -78.63 -18.78 44.56
N VAL F 90 -77.82 -19.03 43.54
CA VAL F 90 -77.04 -20.25 43.42
C VAL F 90 -75.57 -19.89 43.65
N ASN F 91 -74.93 -20.60 44.57
CA ASN F 91 -73.53 -20.37 44.90
C ASN F 91 -72.69 -21.52 44.38
N VAL F 92 -71.65 -21.19 43.61
CA VAL F 92 -70.75 -22.17 43.02
C VAL F 92 -69.33 -21.77 43.34
N SER F 93 -68.51 -22.75 43.74
CA SER F 93 -67.13 -22.49 44.08
C SER F 93 -66.38 -21.93 42.87
N CYS F 94 -65.43 -21.03 43.12
CA CYS F 94 -64.70 -20.41 42.04
C CYS F 94 -63.93 -21.48 41.25
N PRO F 95 -63.87 -21.37 39.93
CA PRO F 95 -63.16 -22.39 39.14
C PRO F 95 -61.68 -22.45 39.51
N TRP F 96 -61.11 -23.64 39.41
CA TRP F 96 -59.72 -23.87 39.79
C TRP F 96 -58.75 -23.76 38.62
N TYR F 97 -59.25 -23.77 37.38
CA TYR F 97 -58.37 -23.74 36.21
C TYR F 97 -57.92 -22.34 35.84
N LEU F 98 -58.46 -21.31 36.49
CA LEU F 98 -58.09 -19.94 36.14
C LEU F 98 -56.63 -19.69 36.49
N PRO F 99 -55.94 -18.82 35.72
CA PRO F 99 -54.54 -18.51 36.07
C PRO F 99 -54.39 -17.95 37.48
N TRP F 100 -55.37 -17.18 37.96
CA TRP F 100 -55.32 -16.58 39.28
C TRP F 100 -56.10 -17.40 40.31
N ALA F 101 -56.50 -18.63 39.97
CA ALA F 101 -57.25 -19.44 40.92
C ALA F 101 -56.43 -19.70 42.17
N SER F 102 -55.14 -20.00 42.03
CA SER F 102 -54.29 -20.24 43.19
C SER F 102 -54.18 -18.98 44.04
N SER F 103 -54.07 -17.81 43.40
CA SER F 103 -53.93 -16.57 44.16
C SER F 103 -55.16 -16.30 45.02
N VAL F 104 -56.36 -16.51 44.48
CA VAL F 104 -57.60 -16.26 45.20
C VAL F 104 -58.52 -17.47 45.06
N PRO F 105 -58.20 -18.61 45.68
CA PRO F 105 -59.08 -19.78 45.56
C PRO F 105 -60.46 -19.56 46.15
N GLN F 106 -60.61 -18.60 47.06
CA GLN F 106 -61.89 -18.36 47.69
C GLN F 106 -62.84 -17.63 46.74
N GLY F 107 -64.03 -17.31 47.23
CA GLY F 107 -65.03 -16.63 46.42
C GLY F 107 -65.99 -17.62 45.77
N HIS F 108 -67.21 -17.14 45.55
CA HIS F 108 -68.26 -17.95 44.94
C HIS F 108 -68.99 -17.12 43.89
N VAL F 109 -69.02 -17.61 42.66
CA VAL F 109 -69.74 -16.92 41.59
C VAL F 109 -71.23 -17.00 41.89
N TYR F 110 -71.91 -15.85 41.79
CA TYR F 110 -73.32 -15.74 42.14
C TYR F 110 -74.16 -15.52 40.89
N ARG F 111 -75.27 -16.27 40.81
CA ARG F 111 -76.23 -16.12 39.72
C ARG F 111 -77.63 -16.34 40.29
N PHE F 112 -78.56 -15.48 39.89
CA PHE F 112 -79.91 -15.47 40.44
C PHE F 112 -80.85 -16.32 39.60
N CYS F 113 -81.65 -17.15 40.26
CA CYS F 113 -82.62 -18.01 39.62
C CYS F 113 -84.02 -17.62 40.07
N THR F 114 -84.92 -17.45 39.10
CA THR F 114 -86.29 -17.06 39.42
C THR F 114 -87.09 -18.26 39.94
N ALA F 115 -88.24 -17.95 40.53
CA ALA F 115 -89.08 -19.00 41.08
C ALA F 115 -89.58 -19.95 40.00
N GLU F 116 -89.89 -19.42 38.82
CA GLU F 116 -90.45 -20.21 37.72
C GLU F 116 -89.42 -21.13 37.06
N GLY F 117 -88.20 -21.26 37.59
CA GLY F 117 -87.19 -22.09 36.97
C GLY F 117 -86.34 -21.40 35.94
N LEU F 118 -86.63 -20.14 35.61
CA LEU F 118 -85.84 -19.38 34.66
C LEU F 118 -84.82 -18.54 35.41
N TRP F 119 -83.60 -18.51 34.90
CA TRP F 119 -82.54 -17.73 35.53
C TRP F 119 -82.87 -16.25 35.46
N LEU F 120 -82.68 -15.55 36.58
CA LEU F 120 -83.02 -14.14 36.65
C LEU F 120 -82.25 -13.35 35.59
N GLN F 121 -82.97 -12.52 34.83
CA GLN F 121 -82.33 -11.71 33.80
C GLN F 121 -81.51 -10.60 34.43
N LYS F 122 -80.36 -10.32 33.83
CA LYS F 122 -79.50 -9.26 34.31
C LYS F 122 -80.14 -7.90 34.03
N ASP F 123 -79.59 -6.86 34.67
CA ASP F 123 -80.16 -5.52 34.58
C ASP F 123 -80.18 -5.03 33.14
N ASN F 124 -81.37 -4.91 32.55
CA ASN F 124 -81.53 -4.37 31.20
C ASN F 124 -80.67 -5.12 30.19
N SER F 125 -80.58 -6.43 30.36
CA SER F 125 -79.80 -7.26 29.45
C SER F 125 -80.43 -8.65 29.37
N SER F 126 -80.24 -9.30 28.23
CA SER F 126 -80.79 -10.64 28.04
C SER F 126 -80.07 -11.67 28.89
N LEU F 127 -78.77 -11.50 29.11
CA LEU F 127 -78.01 -12.49 29.86
C LEU F 127 -78.55 -12.58 31.28
N PRO F 128 -78.59 -13.79 31.86
CA PRO F 128 -79.02 -13.89 33.27
C PRO F 128 -78.08 -13.15 34.19
N TRP F 129 -78.64 -12.61 35.27
CA TRP F 129 -77.83 -11.89 36.24
C TRP F 129 -76.74 -12.78 36.80
N ARG F 130 -75.51 -12.28 36.82
CA ARG F 130 -74.36 -13.02 37.31
C ARG F 130 -73.43 -12.07 38.04
N ASP F 131 -72.70 -12.62 39.02
CA ASP F 131 -71.71 -11.87 39.78
C ASP F 131 -70.38 -12.59 39.67
N LEU F 132 -69.37 -11.89 39.13
CA LEU F 132 -68.05 -12.48 38.93
C LEU F 132 -66.90 -11.65 39.50
N SER F 133 -67.18 -10.46 40.04
CA SER F 133 -66.09 -9.63 40.55
C SER F 133 -65.32 -10.33 41.66
N GLU F 134 -65.98 -11.23 42.40
CA GLU F 134 -65.28 -11.94 43.46
C GLU F 134 -64.16 -12.81 42.91
N CYS F 135 -64.38 -13.46 41.77
CA CYS F 135 -63.36 -14.31 41.16
C CYS F 135 -62.40 -13.55 40.26
N GLU F 136 -62.67 -12.29 39.96
CA GLU F 136 -61.78 -11.51 39.09
C GLU F 136 -60.46 -11.23 39.80
N GLU F 137 -59.40 -11.22 39.01
CA GLU F 137 -58.07 -10.94 39.56
C GLU F 137 -58.00 -9.51 40.08
N SER F 138 -57.20 -9.32 41.13
CA SER F 138 -57.03 -8.01 41.74
C SER F 138 -56.51 -7.00 40.73
N GLU F 147 -44.71 -3.22 30.30
CA GLU F 147 -44.34 -3.36 28.90
C GLU F 147 -43.84 -2.06 28.27
N GLU F 148 -43.95 -0.93 28.98
CA GLU F 148 -43.49 0.32 28.42
C GLU F 148 -41.97 0.31 28.19
N GLN F 149 -41.22 -0.21 29.16
CA GLN F 149 -39.78 -0.31 29.00
C GLN F 149 -39.42 -1.24 27.84
N LEU F 150 -40.14 -2.35 27.71
CA LEU F 150 -39.89 -3.25 26.59
C LEU F 150 -40.16 -2.56 25.26
N LEU F 151 -41.24 -1.78 25.19
CA LEU F 151 -41.55 -1.07 23.96
C LEU F 151 -40.46 -0.05 23.63
N PHE F 152 -39.96 0.65 24.65
CA PHE F 152 -38.87 1.60 24.42
C PHE F 152 -37.63 0.88 23.91
N LEU F 153 -37.27 -0.23 24.55
CA LEU F 153 -36.12 -1.02 24.11
C LEU F 153 -36.27 -1.42 22.65
N TYR F 154 -37.45 -1.93 22.30
CA TYR F 154 -37.71 -2.37 20.93
C TYR F 154 -37.55 -1.20 19.96
N ILE F 155 -38.21 -0.08 20.25
CA ILE F 155 -38.16 1.07 19.36
C ILE F 155 -36.71 1.51 19.15
N ILE F 156 -35.88 1.35 20.18
CA ILE F 156 -34.49 1.76 20.05
C ILE F 156 -33.71 0.78 19.17
N TYR F 157 -33.63 -0.49 19.58
CA TYR F 157 -32.66 -1.33 18.90
C TYR F 157 -33.14 -1.81 17.55
N THR F 158 -34.46 -1.78 17.26
CA THR F 158 -34.87 -2.06 15.89
C THR F 158 -34.29 -1.03 14.93
N VAL F 159 -34.37 0.25 15.30
CA VAL F 159 -33.77 1.29 14.49
C VAL F 159 -32.26 1.11 14.43
N GLY F 160 -31.64 0.80 15.57
CA GLY F 160 -30.20 0.61 15.57
C GLY F 160 -29.76 -0.48 14.61
N TYR F 161 -30.42 -1.64 14.67
CA TYR F 161 -30.07 -2.75 13.79
C TYR F 161 -30.35 -2.40 12.34
N ALA F 162 -31.44 -1.70 12.07
CA ALA F 162 -31.74 -1.32 10.69
C ALA F 162 -30.64 -0.45 10.11
N LEU F 163 -30.22 0.58 10.86
CA LEU F 163 -29.13 1.43 10.38
C LEU F 163 -27.83 0.66 10.25
N SER F 164 -27.54 -0.22 11.21
CA SER F 164 -26.30 -1.00 11.13
C SER F 164 -26.27 -1.87 9.88
N PHE F 165 -27.37 -2.55 9.58
CA PHE F 165 -27.46 -3.37 8.38
C PHE F 165 -27.32 -2.52 7.12
N SER F 166 -28.00 -1.36 7.10
CA SER F 166 -27.94 -0.49 5.94
C SER F 166 -26.51 -0.01 5.68
N ALA F 167 -25.78 0.31 6.74
CA ALA F 167 -24.40 0.77 6.56
C ALA F 167 -23.49 -0.39 6.17
N LEU F 168 -23.71 -1.57 6.76
CA LEU F 168 -22.82 -2.70 6.49
C LEU F 168 -22.93 -3.17 5.05
N VAL F 169 -24.15 -3.18 4.49
CA VAL F 169 -24.28 -3.62 3.10
C VAL F 169 -23.47 -2.71 2.17
N ILE F 170 -23.59 -1.39 2.37
CA ILE F 170 -22.87 -0.45 1.53
C ILE F 170 -21.36 -0.59 1.73
N ALA F 171 -20.93 -0.77 2.99
CA ALA F 171 -19.50 -0.92 3.25
C ALA F 171 -18.94 -2.14 2.56
N SER F 172 -19.66 -3.26 2.63
CA SER F 172 -19.21 -4.48 1.96
C SER F 172 -19.16 -4.28 0.45
N ALA F 173 -20.17 -3.60 -0.10
CA ALA F 173 -20.18 -3.33 -1.53
C ALA F 173 -18.94 -2.52 -1.93
N ILE F 174 -18.62 -1.49 -1.15
CA ILE F 174 -17.46 -0.67 -1.48
C ILE F 174 -16.18 -1.47 -1.38
N LEU F 175 -16.05 -2.30 -0.33
CA LEU F 175 -14.85 -3.10 -0.18
C LEU F 175 -14.67 -4.05 -1.35
N LEU F 176 -15.75 -4.69 -1.79
CA LEU F 176 -15.65 -5.61 -2.92
C LEU F 176 -15.50 -4.88 -4.25
N GLY F 177 -15.84 -3.60 -4.31
CA GLY F 177 -15.72 -2.85 -5.54
C GLY F 177 -14.31 -2.76 -6.06
N PHE F 178 -13.44 -2.06 -5.33
CA PHE F 178 -12.06 -1.91 -5.76
C PHE F 178 -11.29 -3.19 -5.51
N ARG F 179 -10.59 -3.67 -6.54
CA ARG F 179 -9.76 -4.86 -6.39
C ARG F 179 -8.42 -4.54 -5.75
N HIS F 180 -8.03 -3.27 -5.69
CA HIS F 180 -6.77 -2.90 -5.06
C HIS F 180 -6.77 -3.28 -3.59
N LEU F 181 -7.90 -3.09 -2.91
CA LEU F 181 -7.97 -3.28 -1.46
C LEU F 181 -7.89 -4.74 -1.04
N HIS F 182 -7.95 -5.68 -1.99
CA HIS F 182 -7.99 -7.10 -1.62
C HIS F 182 -6.77 -7.49 -0.79
N CYS F 183 -7.03 -8.21 0.31
CA CYS F 183 -5.98 -8.75 1.16
C CYS F 183 -6.60 -9.63 2.24
N THR F 184 -5.77 -10.26 3.06
CA THR F 184 -6.30 -11.10 4.13
C THR F 184 -7.11 -10.28 5.13
N ARG F 185 -6.60 -9.11 5.50
CA ARG F 185 -7.32 -8.25 6.43
C ARG F 185 -8.73 -7.96 5.95
N ASN F 186 -8.87 -7.57 4.68
CA ASN F 186 -10.18 -7.24 4.17
C ASN F 186 -11.07 -8.47 4.05
N TYR F 187 -10.50 -9.64 3.79
CA TYR F 187 -11.30 -10.86 3.78
C TYR F 187 -11.88 -11.13 5.17
N ILE F 188 -11.07 -10.98 6.21
CA ILE F 188 -11.56 -11.17 7.57
C ILE F 188 -12.64 -10.14 7.88
N HIS F 189 -12.43 -8.90 7.43
CA HIS F 189 -13.45 -7.87 7.64
C HIS F 189 -14.76 -8.23 6.95
N LEU F 190 -14.68 -8.77 5.73
CA LEU F 190 -15.89 -9.14 5.00
C LEU F 190 -16.62 -10.25 5.72
N ASN F 191 -15.89 -11.23 6.26
CA ASN F 191 -16.55 -12.27 7.03
C ASN F 191 -17.25 -11.68 8.25
N LEU F 192 -16.60 -10.73 8.92
CA LEU F 192 -17.23 -10.07 10.06
C LEU F 192 -18.52 -9.36 9.65
N PHE F 193 -18.48 -8.65 8.52
CA PHE F 193 -19.68 -7.96 8.04
C PHE F 193 -20.80 -8.94 7.76
N ALA F 194 -20.46 -10.08 7.14
CA ALA F 194 -21.47 -11.09 6.87
C ALA F 194 -22.10 -11.61 8.16
N SER F 195 -21.27 -11.85 9.18
CA SER F 195 -21.80 -12.31 10.46
C SER F 195 -22.76 -11.30 11.06
N PHE F 196 -22.39 -10.02 11.02
CA PHE F 196 -23.27 -8.98 11.55
C PHE F 196 -24.59 -8.94 10.80
N ILE F 197 -24.53 -9.01 9.47
CA ILE F 197 -25.75 -8.95 8.67
C ILE F 197 -26.66 -10.13 8.99
N LEU F 198 -26.08 -11.33 9.11
CA LEU F 198 -26.88 -12.49 9.45
C LEU F 198 -27.52 -12.34 10.83
N ARG F 199 -26.79 -11.77 11.78
CA ARG F 199 -27.31 -11.58 13.17
C ARG F 199 -28.49 -10.63 13.11
N ALA F 200 -28.42 -9.55 12.32
CA ALA F 200 -29.53 -8.61 12.20
C ALA F 200 -30.74 -9.28 11.54
N LEU F 201 -30.50 -10.04 10.47
CA LEU F 201 -31.61 -10.69 9.79
C LEU F 201 -32.31 -11.70 10.69
N SER F 202 -31.53 -12.45 11.46
CA SER F 202 -32.14 -13.42 12.39
C SER F 202 -32.98 -12.71 13.43
N VAL F 203 -32.50 -11.57 13.93
CA VAL F 203 -33.28 -10.82 14.91
C VAL F 203 -34.60 -10.36 14.29
N PHE F 204 -34.55 -9.87 13.06
CA PHE F 204 -35.79 -9.44 12.40
C PHE F 204 -36.75 -10.60 12.23
N ILE F 205 -36.25 -11.77 11.82
CA ILE F 205 -37.12 -12.92 11.63
C ILE F 205 -37.74 -13.34 12.96
N LYS F 206 -36.96 -13.33 14.04
CA LYS F 206 -37.50 -13.67 15.35
C LYS F 206 -38.59 -12.68 15.75
N ASP F 207 -38.36 -11.39 15.48
CA ASP F 207 -39.40 -10.39 15.74
C ASP F 207 -40.69 -10.74 15.00
N ALA F 208 -40.57 -11.06 13.72
CA ALA F 208 -41.76 -11.40 12.95
C ALA F 208 -42.46 -12.62 13.53
N ALA F 209 -41.69 -13.64 13.93
CA ALA F 209 -42.29 -14.85 14.47
C ALA F 209 -43.05 -14.55 15.76
N LEU F 210 -42.44 -13.78 16.66
CA LEU F 210 -43.14 -13.43 17.90
C LEU F 210 -44.40 -12.63 17.61
N LYS F 211 -44.33 -11.67 16.69
CA LYS F 211 -45.53 -10.90 16.37
C LYS F 211 -46.63 -11.79 15.82
N TRP F 212 -46.28 -12.72 14.94
CA TRP F 212 -47.29 -13.62 14.37
C TRP F 212 -47.89 -14.53 15.43
N MET F 213 -47.07 -15.01 16.36
CA MET F 213 -47.56 -15.99 17.33
C MET F 213 -48.69 -15.44 18.18
N TYR F 214 -48.57 -14.18 18.62
CA TYR F 214 -49.55 -13.56 19.49
C TYR F 214 -50.37 -12.49 18.76
N SER F 215 -50.59 -12.67 17.47
CA SER F 215 -51.51 -11.81 16.74
C SER F 215 -52.95 -12.27 16.98
N THR F 216 -53.90 -11.39 16.64
CA THR F 216 -55.30 -11.67 16.91
C THR F 216 -55.72 -13.01 16.30
N ALA F 217 -55.53 -13.16 14.99
CA ALA F 217 -55.98 -14.39 14.33
C ALA F 217 -55.36 -15.63 14.97
N ALA F 218 -54.05 -15.58 15.24
CA ALA F 218 -53.38 -16.74 15.81
C ALA F 218 -53.96 -17.10 17.16
N GLN F 219 -54.22 -16.10 18.01
CA GLN F 219 -54.78 -16.40 19.33
C GLN F 219 -56.19 -16.96 19.19
N GLN F 220 -57.01 -16.44 18.27
CA GLN F 220 -58.33 -17.01 18.10
C GLN F 220 -58.26 -18.47 17.62
N HIS F 221 -57.37 -18.76 16.67
CA HIS F 221 -57.23 -20.15 16.24
C HIS F 221 -56.79 -21.05 17.38
N GLN F 222 -55.82 -20.58 18.19
CA GLN F 222 -55.36 -21.40 19.31
C GLN F 222 -56.45 -21.58 20.36
N TRP F 223 -57.36 -20.62 20.50
CA TRP F 223 -58.46 -20.76 21.44
C TRP F 223 -59.34 -21.95 21.05
N ASP F 224 -59.60 -22.12 19.75
CA ASP F 224 -60.43 -23.22 19.28
C ASP F 224 -59.79 -24.59 19.49
N SER F 228 -51.51 -24.69 15.94
CA SER F 228 -51.04 -23.41 15.43
C SER F 228 -49.53 -23.45 15.25
N TYR F 229 -48.96 -22.28 14.95
CA TYR F 229 -47.51 -22.16 14.80
C TYR F 229 -46.78 -22.41 16.12
N GLN F 230 -47.50 -22.44 17.24
CA GLN F 230 -46.89 -22.61 18.55
C GLN F 230 -46.21 -23.96 18.73
N ASP F 231 -46.47 -24.92 17.84
CA ASP F 231 -45.84 -26.23 17.92
C ASP F 231 -45.18 -26.69 16.62
N SER F 232 -45.29 -25.93 15.54
CA SER F 232 -44.68 -26.32 14.28
C SER F 232 -43.16 -26.28 14.38
N LEU F 233 -42.52 -27.10 13.54
CA LEU F 233 -41.05 -27.18 13.58
C LEU F 233 -40.40 -25.88 13.12
N SER F 234 -41.03 -25.15 12.21
CA SER F 234 -40.42 -23.93 11.68
C SER F 234 -40.03 -22.97 12.80
N CYS F 235 -40.83 -22.91 13.85
CA CYS F 235 -40.51 -22.05 14.99
C CYS F 235 -39.19 -22.46 15.63
N ARG F 236 -39.03 -23.77 15.88
CA ARG F 236 -37.79 -24.26 16.47
C ARG F 236 -36.61 -24.00 15.56
N LEU F 237 -36.79 -24.19 14.25
CA LEU F 237 -35.73 -23.90 13.30
C LEU F 237 -35.33 -22.42 13.36
N VAL F 238 -36.31 -21.53 13.44
CA VAL F 238 -36.01 -20.10 13.49
C VAL F 238 -35.19 -19.78 14.74
N PHE F 239 -35.60 -20.33 15.88
CA PHE F 239 -34.88 -20.04 17.12
C PHE F 239 -33.46 -20.57 17.07
N LEU F 240 -33.29 -21.80 16.56
CA LEU F 240 -31.95 -22.36 16.43
C LEU F 240 -31.08 -21.51 15.52
N LEU F 241 -31.66 -21.04 14.41
CA LEU F 241 -30.91 -20.19 13.50
C LEU F 241 -30.45 -18.90 14.19
N MET F 242 -31.29 -18.41 15.10
CA MET F 242 -30.92 -17.23 15.91
C MET F 242 -29.74 -17.61 16.80
N GLN F 243 -29.86 -18.68 17.58
CA GLN F 243 -28.80 -19.10 18.52
C GLN F 243 -27.49 -19.27 17.76
N TYR F 244 -27.52 -19.68 16.49
CA TYR F 244 -26.30 -19.93 15.74
C TYR F 244 -25.72 -18.63 15.20
N CYS F 245 -26.57 -17.75 14.68
CA CYS F 245 -26.07 -16.49 14.13
C CYS F 245 -25.38 -15.67 15.21
N VAL F 246 -25.98 -15.59 16.40
CA VAL F 246 -25.40 -14.83 17.53
C VAL F 246 -24.03 -15.42 17.85
N ALA F 247 -23.91 -16.75 17.98
CA ALA F 247 -22.64 -17.38 18.33
C ALA F 247 -21.59 -17.14 17.26
N ALA F 248 -21.99 -17.22 15.99
CA ALA F 248 -21.05 -17.01 14.89
C ALA F 248 -20.52 -15.58 14.90
N ASN F 249 -21.38 -14.60 15.16
CA ASN F 249 -20.92 -13.22 15.21
C ASN F 249 -19.88 -13.04 16.31
N TYR F 250 -20.15 -13.59 17.49
CA TYR F 250 -19.22 -13.49 18.65
C TYR F 250 -17.90 -14.15 18.29
N TYR F 251 -17.91 -15.30 17.64
CA TYR F 251 -16.66 -16.00 17.32
C TYR F 251 -15.90 -15.31 16.19
N TRP F 252 -16.59 -14.58 15.31
CA TRP F 252 -15.86 -13.84 14.30
C TRP F 252 -15.20 -12.59 14.87
N LEU F 253 -15.81 -11.98 15.89
CA LEU F 253 -15.07 -10.95 16.62
C LEU F 253 -13.81 -11.55 17.25
N LEU F 254 -13.93 -12.76 17.81
CA LEU F 254 -12.76 -13.44 18.35
C LEU F 254 -11.70 -13.66 17.26
N VAL F 255 -12.14 -14.03 16.06
CA VAL F 255 -11.19 -14.24 14.97
C VAL F 255 -10.47 -12.94 14.62
N GLU F 256 -11.21 -11.83 14.56
CA GLU F 256 -10.57 -10.53 14.35
C GLU F 256 -9.44 -10.34 15.36
N GLY F 257 -9.76 -10.54 16.64
CA GLY F 257 -8.77 -10.30 17.67
C GLY F 257 -7.55 -11.20 17.54
N VAL F 258 -7.78 -12.48 17.27
CA VAL F 258 -6.68 -13.42 17.19
C VAL F 258 -5.77 -13.09 16.02
N TYR F 259 -6.35 -12.76 14.86
CA TYR F 259 -5.52 -12.43 13.71
C TYR F 259 -4.68 -11.19 13.98
N LEU F 260 -5.28 -10.15 14.57
CA LEU F 260 -4.51 -8.96 14.88
C LEU F 260 -3.36 -9.28 15.84
N TYR F 261 -3.65 -10.09 16.87
CA TYR F 261 -2.62 -10.44 17.83
C TYR F 261 -1.48 -11.18 17.14
N THR F 262 -1.80 -12.12 16.26
CA THR F 262 -0.75 -12.85 15.55
C THR F 262 0.10 -11.91 14.72
N LEU F 263 -0.54 -10.96 14.03
CA LEU F 263 0.25 -10.01 13.22
C LEU F 263 1.19 -9.20 14.10
N LEU F 264 0.70 -8.72 15.26
CA LEU F 264 1.53 -7.85 16.09
C LEU F 264 2.54 -8.62 16.95
N ALA F 265 2.47 -9.95 16.98
CA ALA F 265 3.46 -10.73 17.69
C ALA F 265 4.71 -11.00 16.87
N PHE F 266 4.83 -10.37 15.70
CA PHE F 266 5.96 -10.56 14.79
C PHE F 266 6.22 -12.04 14.55
N SER F 267 5.20 -12.70 13.98
CA SER F 267 5.31 -14.10 13.60
C SER F 267 4.73 -14.27 12.21
N VAL F 268 5.24 -15.26 11.48
CA VAL F 268 4.85 -15.51 10.10
C VAL F 268 4.39 -16.96 9.96
N PHE F 269 3.29 -17.16 9.24
CA PHE F 269 2.73 -18.48 9.04
C PHE F 269 2.23 -18.59 7.61
N SER F 270 2.08 -19.84 7.15
CA SER F 270 1.56 -20.07 5.80
C SER F 270 0.19 -19.43 5.65
N GLU F 271 0.01 -18.67 4.57
CA GLU F 271 -1.18 -17.84 4.43
C GLU F 271 -2.42 -18.70 4.13
N GLN F 272 -2.31 -19.63 3.19
CA GLN F 272 -3.48 -20.40 2.78
C GLN F 272 -4.00 -21.27 3.92
N TRP F 273 -3.10 -22.02 4.55
CA TRP F 273 -3.51 -22.90 5.65
C TRP F 273 -4.10 -22.09 6.80
N ILE F 274 -3.46 -20.96 7.13
CA ILE F 274 -3.96 -20.12 8.22
C ILE F 274 -5.34 -19.58 7.90
N PHE F 275 -5.55 -19.11 6.67
CA PHE F 275 -6.86 -18.57 6.32
C PHE F 275 -7.93 -19.64 6.35
N ARG F 276 -7.62 -20.84 5.85
CA ARG F 276 -8.59 -21.93 5.92
C ARG F 276 -8.92 -22.26 7.37
N LEU F 277 -7.90 -22.30 8.23
CA LEU F 277 -8.15 -22.58 9.64
C LEU F 277 -9.02 -21.50 10.27
N TYR F 278 -8.78 -20.24 9.92
CA TYR F 278 -9.59 -19.16 10.47
C TYR F 278 -11.03 -19.26 10.02
N VAL F 279 -11.26 -19.58 8.75
CA VAL F 279 -12.63 -19.74 8.27
C VAL F 279 -13.31 -20.88 9.03
N SER F 280 -12.61 -21.98 9.22
CA SER F 280 -13.17 -23.11 9.95
C SER F 280 -13.49 -22.71 11.39
N ILE F 281 -12.59 -21.98 12.04
CA ILE F 281 -12.84 -21.55 13.42
C ILE F 281 -14.05 -20.64 13.49
N GLY F 282 -14.17 -19.71 12.53
CA GLY F 282 -15.26 -18.76 12.54
C GLY F 282 -16.61 -19.39 12.31
N TRP F 283 -16.80 -20.00 11.14
CA TRP F 283 -18.12 -20.49 10.76
C TRP F 283 -18.41 -21.91 11.24
N GLY F 284 -17.43 -22.61 11.78
CA GLY F 284 -17.60 -24.02 12.09
C GLY F 284 -17.72 -24.36 13.56
N VAL F 285 -16.95 -23.68 14.41
CA VAL F 285 -16.95 -24.02 15.83
C VAL F 285 -18.32 -23.91 16.48
N PRO F 286 -19.12 -22.87 16.22
CA PRO F 286 -20.39 -22.76 16.96
C PRO F 286 -21.29 -23.96 16.84
N LEU F 287 -21.23 -24.69 15.71
CA LEU F 287 -22.05 -25.88 15.58
C LEU F 287 -21.81 -26.85 16.72
N LEU F 288 -20.57 -26.97 17.18
CA LEU F 288 -20.22 -27.97 18.17
C LEU F 288 -21.03 -27.79 19.45
N PHE F 289 -21.15 -26.56 19.93
CA PHE F 289 -21.90 -26.30 21.17
C PHE F 289 -23.32 -25.82 20.91
N VAL F 290 -23.74 -25.72 19.66
CA VAL F 290 -25.12 -25.40 19.36
C VAL F 290 -25.95 -26.67 19.15
N VAL F 291 -25.42 -27.66 18.42
CA VAL F 291 -26.20 -28.86 18.12
C VAL F 291 -26.58 -29.62 19.39
N PRO F 292 -25.67 -29.88 20.33
CA PRO F 292 -26.08 -30.58 21.56
C PRO F 292 -27.18 -29.86 22.31
N TRP F 293 -27.18 -28.52 22.31
CA TRP F 293 -28.27 -27.80 22.93
C TRP F 293 -29.60 -28.13 22.27
N GLY F 294 -29.62 -28.16 20.94
CA GLY F 294 -30.84 -28.53 20.25
C GLY F 294 -31.28 -29.94 20.57
N ILE F 295 -30.32 -30.87 20.64
CA ILE F 295 -30.66 -32.25 20.97
C ILE F 295 -31.28 -32.32 22.36
N VAL F 296 -30.66 -31.64 23.33
CA VAL F 296 -31.17 -31.69 24.70
C VAL F 296 -32.57 -31.09 24.77
N LYS F 297 -32.78 -29.97 24.09
CA LYS F 297 -34.10 -29.34 24.09
C LYS F 297 -35.14 -30.27 23.46
N TYR F 298 -34.78 -30.92 22.35
CA TYR F 298 -35.72 -31.80 21.66
C TYR F 298 -36.01 -33.07 22.44
N LEU F 299 -35.09 -33.52 23.29
CA LEU F 299 -35.28 -34.77 24.01
C LEU F 299 -35.80 -34.59 25.42
N TYR F 300 -35.67 -33.42 26.03
CA TYR F 300 -36.06 -33.26 27.42
C TYR F 300 -36.99 -32.09 27.67
N GLU F 301 -36.83 -30.98 26.97
CA GLU F 301 -37.53 -29.74 27.28
C GLU F 301 -38.13 -29.13 26.03
N ASP F 302 -38.84 -29.94 25.24
CA ASP F 302 -39.49 -29.47 24.01
C ASP F 302 -40.89 -28.99 24.35
N GLU F 303 -41.07 -27.67 24.40
CA GLU F 303 -42.38 -27.08 24.65
C GLU F 303 -42.35 -25.58 24.39
N GLY F 304 -43.38 -25.07 23.74
CA GLY F 304 -43.50 -23.64 23.54
C GLY F 304 -42.37 -23.03 22.72
N CYS F 305 -42.07 -23.63 21.57
CA CYS F 305 -41.09 -23.11 20.62
C CYS F 305 -39.68 -23.05 21.20
N TRP F 306 -39.41 -23.74 22.30
CA TRP F 306 -38.15 -23.65 23.02
C TRP F 306 -37.87 -22.23 23.51
N THR F 307 -38.86 -21.35 23.46
CA THR F 307 -38.62 -19.93 23.74
C THR F 307 -38.14 -19.72 25.17
N ARG F 308 -38.78 -20.35 26.13
CA ARG F 308 -38.47 -20.16 27.54
C ARG F 308 -37.53 -21.26 28.02
N ASN F 309 -36.47 -20.86 28.70
CA ASN F 309 -35.48 -21.78 29.23
C ASN F 309 -35.77 -22.02 30.71
N SER F 310 -36.00 -23.27 31.08
CA SER F 310 -36.36 -23.64 32.44
C SER F 310 -35.15 -24.10 33.25
N ASN F 311 -34.42 -25.08 32.75
CA ASN F 311 -33.27 -25.62 33.45
C ASN F 311 -32.01 -24.88 33.01
N MET F 312 -31.39 -24.15 33.95
CA MET F 312 -30.18 -23.41 33.63
C MET F 312 -29.07 -24.32 33.14
N ASN F 313 -29.08 -25.59 33.56
CA ASN F 313 -28.08 -26.53 33.06
C ASN F 313 -28.17 -26.66 31.55
N TYR F 314 -29.38 -26.68 31.00
CA TYR F 314 -29.59 -26.75 29.55
C TYR F 314 -29.49 -25.38 28.88
N TRP F 315 -29.17 -24.33 29.64
CA TRP F 315 -29.07 -22.95 29.10
C TRP F 315 -27.61 -22.52 29.05
N LEU F 316 -26.79 -22.90 30.03
CA LEU F 316 -25.41 -22.42 30.08
C LEU F 316 -24.57 -22.93 28.91
N ILE F 317 -25.04 -23.94 28.19
CA ILE F 317 -24.27 -24.48 27.08
C ILE F 317 -24.06 -23.42 26.02
N ILE F 318 -25.11 -22.65 25.71
CA ILE F 318 -25.05 -21.62 24.64
C ILE F 318 -24.66 -20.28 25.25
N ARG F 319 -24.10 -20.27 26.46
CA ARG F 319 -23.67 -19.01 27.13
C ARG F 319 -22.18 -19.07 27.47
N LEU F 320 -21.63 -20.21 27.89
CA LEU F 320 -20.24 -20.29 28.33
C LEU F 320 -19.25 -19.92 27.23
N PRO F 321 -19.31 -20.51 26.03
CA PRO F 321 -18.33 -20.16 25.00
C PRO F 321 -18.34 -18.68 24.62
N ILE F 322 -19.52 -18.06 24.68
CA ILE F 322 -19.67 -16.63 24.34
C ILE F 322 -18.85 -15.83 25.34
N LEU F 323 -18.94 -16.12 26.64
CA LEU F 323 -18.16 -15.44 27.67
C LEU F 323 -16.66 -15.69 27.46
N PHE F 324 -16.31 -16.92 27.10
CA PHE F 324 -14.90 -17.23 26.81
C PHE F 324 -14.36 -16.31 25.71
N ALA F 325 -15.11 -16.19 24.60
CA ALA F 325 -14.66 -15.37 23.49
C ALA F 325 -14.54 -13.90 23.89
N ILE F 326 -15.50 -13.40 24.66
CA ILE F 326 -15.44 -12.00 25.10
C ILE F 326 -14.21 -11.76 25.96
N GLY F 327 -13.92 -12.68 26.89
CA GLY F 327 -12.71 -12.53 27.68
C GLY F 327 -11.46 -12.50 26.84
N VAL F 328 -11.38 -13.39 25.85
CA VAL F 328 -10.19 -13.41 24.99
C VAL F 328 -10.04 -12.09 24.25
N ASN F 329 -11.15 -11.58 23.69
CA ASN F 329 -11.07 -10.30 22.99
C ASN F 329 -10.66 -9.17 23.92
N PHE F 330 -11.11 -9.18 25.16
CA PHE F 330 -10.68 -8.15 26.10
C PHE F 330 -9.17 -8.24 26.34
N LEU F 331 -8.64 -9.45 26.49
CA LEU F 331 -7.19 -9.59 26.65
C LEU F 331 -6.45 -9.03 25.44
N ILE F 332 -6.92 -9.35 24.24
CA ILE F 332 -6.28 -8.84 23.03
C ILE F 332 -6.31 -7.32 23.01
N PHE F 333 -7.45 -6.73 23.37
CA PHE F 333 -7.56 -5.28 23.43
C PHE F 333 -6.52 -4.70 24.38
N VAL F 334 -6.37 -5.30 25.55
CA VAL F 334 -5.41 -4.80 26.54
C VAL F 334 -4.00 -4.84 25.95
N ARG F 335 -3.62 -5.96 25.36
CA ARG F 335 -2.25 -6.08 24.85
C ARG F 335 -1.99 -5.11 23.71
N VAL F 336 -2.95 -4.94 22.81
CA VAL F 336 -2.77 -4.01 21.70
C VAL F 336 -2.63 -2.59 22.23
N ILE F 337 -3.43 -2.23 23.23
CA ILE F 337 -3.31 -0.89 23.80
C ILE F 337 -1.94 -0.70 24.45
N CYS F 338 -1.44 -1.74 25.13
CA CYS F 338 -0.11 -1.65 25.72
C CYS F 338 0.94 -1.39 24.65
N ILE F 339 0.87 -2.12 23.54
CA ILE F 339 1.86 -1.95 22.49
C ILE F 339 1.78 -0.54 21.90
N VAL F 340 0.55 -0.06 21.66
CA VAL F 340 0.39 1.28 21.09
C VAL F 340 0.95 2.33 22.04
N VAL F 341 0.73 2.14 23.34
CA VAL F 341 1.26 3.08 24.33
C VAL F 341 2.78 3.09 24.28
N SER F 342 3.40 1.91 24.20
CA SER F 342 4.85 1.86 24.12
C SER F 342 5.36 2.56 22.87
N LYS F 343 4.71 2.32 21.72
CA LYS F 343 5.15 2.97 20.49
C LYS F 343 5.03 4.48 20.60
N LEU F 344 3.91 4.98 21.15
CA LEU F 344 3.75 6.42 21.30
C LEU F 344 4.79 7.00 22.24
N LYS F 345 5.07 6.31 23.34
CA LYS F 345 6.03 6.83 24.32
C LYS F 345 7.43 6.89 23.72
N ALA F 346 7.83 5.85 22.98
CA ALA F 346 9.20 5.83 22.44
C ALA F 346 9.43 6.99 21.47
N ASN F 347 8.48 7.25 20.58
CA ASN F 347 8.63 8.33 19.61
C ASN F 347 7.98 9.62 20.12
N ASP F 353 -0.02 15.97 24.54
CA ASP F 353 -0.92 15.66 23.44
C ASP F 353 -0.95 14.17 23.16
N ILE F 354 -0.11 13.41 23.88
CA ILE F 354 -0.08 11.96 23.70
C ILE F 354 -1.41 11.35 24.08
N LYS F 355 -2.01 11.80 25.18
CA LYS F 355 -3.25 11.21 25.65
C LYS F 355 -4.38 11.41 24.64
N CYS F 356 -4.38 12.53 23.92
CA CYS F 356 -5.42 12.74 22.91
C CYS F 356 -5.39 11.63 21.86
N ARG F 357 -4.22 11.38 21.28
CA ARG F 357 -4.10 10.35 20.26
C ARG F 357 -4.35 8.97 20.84
N LEU F 358 -3.89 8.72 22.07
CA LEU F 358 -4.14 7.43 22.69
C LEU F 358 -5.63 7.17 22.88
N ALA F 359 -6.36 8.19 23.34
CA ALA F 359 -7.80 8.06 23.51
C ALA F 359 -8.49 7.86 22.17
N LYS F 360 -8.06 8.58 21.14
CA LYS F 360 -8.64 8.38 19.82
C LYS F 360 -8.44 6.93 19.37
N SER F 361 -7.22 6.41 19.55
CA SER F 361 -6.94 5.05 19.13
C SER F 361 -7.80 4.05 19.90
N THR F 362 -7.89 4.21 21.21
CA THR F 362 -8.68 3.27 22.01
C THR F 362 -10.15 3.31 21.60
N LEU F 363 -10.69 4.51 21.42
CA LEU F 363 -12.09 4.61 21.00
C LEU F 363 -12.30 3.95 19.65
N THR F 364 -11.39 4.18 18.71
CA THR F 364 -11.53 3.55 17.40
C THR F 364 -11.41 2.04 17.51
N LEU F 365 -10.67 1.54 18.50
CA LEU F 365 -10.51 0.10 18.63
C LEU F 365 -11.70 -0.56 19.31
N ILE F 366 -12.42 0.16 20.17
CA ILE F 366 -13.56 -0.42 20.89
C ILE F 366 -14.48 -1.17 19.93
N PRO F 367 -15.09 -0.50 18.94
CA PRO F 367 -16.14 -1.17 18.15
C PRO F 367 -15.65 -2.36 17.34
N LEU F 368 -14.35 -2.46 17.06
CA LEU F 368 -13.86 -3.58 16.26
C LEU F 368 -13.91 -4.88 17.04
N LEU F 369 -13.43 -4.87 18.28
CA LEU F 369 -13.41 -6.06 19.12
C LEU F 369 -14.60 -6.12 20.07
N GLY F 370 -15.48 -5.13 20.06
CA GLY F 370 -16.68 -5.17 20.85
C GLY F 370 -16.42 -5.38 22.34
N THR F 371 -15.47 -4.64 22.89
CA THR F 371 -15.15 -4.78 24.31
C THR F 371 -16.21 -4.17 25.21
N HIS F 372 -17.13 -3.36 24.67
CA HIS F 372 -18.16 -2.75 25.50
C HIS F 372 -18.99 -3.80 26.24
N GLU F 373 -19.10 -5.01 25.67
CA GLU F 373 -19.87 -6.06 26.31
C GLU F 373 -19.27 -6.51 27.63
N VAL F 374 -17.98 -6.24 27.85
CA VAL F 374 -17.32 -6.78 29.03
C VAL F 374 -17.75 -6.09 30.31
N ILE F 375 -18.37 -4.90 30.21
CA ILE F 375 -18.79 -4.18 31.42
C ILE F 375 -19.80 -5.00 32.20
N PHE F 376 -20.80 -5.53 31.51
CA PHE F 376 -21.88 -6.31 32.14
C PHE F 376 -21.84 -7.78 31.72
N ALA F 377 -20.71 -8.25 31.19
CA ALA F 377 -20.67 -9.59 30.63
C ALA F 377 -20.95 -10.66 31.68
N PHE F 378 -20.33 -10.53 32.85
CA PHE F 378 -20.38 -11.58 33.87
C PHE F 378 -21.52 -11.40 34.86
N VAL F 379 -22.38 -10.40 34.68
CA VAL F 379 -23.57 -10.25 35.51
C VAL F 379 -24.57 -11.29 35.03
N MET F 380 -24.66 -12.42 35.75
CA MET F 380 -25.44 -13.55 35.28
C MET F 380 -26.92 -13.23 35.27
N ASP F 381 -27.65 -13.97 34.43
CA ASP F 381 -29.10 -13.77 34.33
C ASP F 381 -29.79 -14.08 35.65
N GLU F 382 -29.34 -15.11 36.35
CA GLU F 382 -30.01 -15.53 37.58
C GLU F 382 -30.01 -14.44 38.64
N HIS F 383 -29.13 -13.44 38.53
CA HIS F 383 -28.98 -12.40 39.53
C HIS F 383 -29.17 -11.02 38.92
N ALA F 384 -30.20 -10.86 38.09
CA ALA F 384 -30.53 -9.59 37.45
C ALA F 384 -31.96 -9.22 37.84
N ARG F 385 -32.10 -8.29 38.79
CA ARG F 385 -33.40 -7.88 39.29
C ARG F 385 -33.45 -6.36 39.37
N GLY F 386 -34.64 -5.84 39.66
CA GLY F 386 -34.80 -4.42 39.83
C GLY F 386 -34.42 -3.65 38.60
N THR F 387 -33.87 -2.46 38.81
CA THR F 387 -33.42 -1.61 37.71
C THR F 387 -32.10 -2.08 37.11
N LEU F 388 -31.37 -2.96 37.80
CA LEU F 388 -30.13 -3.48 37.24
C LEU F 388 -30.38 -4.23 35.94
N ARG F 389 -31.41 -5.08 35.92
CA ARG F 389 -31.73 -5.82 34.70
C ARG F 389 -32.10 -4.86 33.58
N PHE F 390 -32.91 -3.85 33.87
CA PHE F 390 -33.28 -2.89 32.84
C PHE F 390 -32.05 -2.18 32.28
N ILE F 391 -31.15 -1.74 33.16
CA ILE F 391 -29.95 -1.03 32.71
C ILE F 391 -29.09 -1.94 31.85
N LYS F 392 -28.90 -3.19 32.29
CA LYS F 392 -28.09 -4.13 31.52
C LYS F 392 -28.67 -4.36 30.14
N LEU F 393 -29.99 -4.60 30.07
CA LEU F 393 -30.63 -4.84 28.78
C LEU F 393 -30.49 -3.62 27.89
N PHE F 394 -30.76 -2.43 28.43
CA PHE F 394 -30.66 -1.21 27.63
C PHE F 394 -29.25 -1.05 27.06
N THR F 395 -28.25 -1.13 27.94
CA THR F 395 -26.86 -0.98 27.51
C THR F 395 -26.52 -1.96 26.40
N GLU F 396 -26.69 -3.25 26.67
CA GLU F 396 -26.26 -4.26 25.70
C GLU F 396 -27.02 -4.13 24.39
N LEU F 397 -28.35 -3.97 24.45
CA LEU F 397 -29.13 -3.89 23.22
C LEU F 397 -28.70 -2.69 22.38
N SER F 398 -28.63 -1.51 22.98
CA SER F 398 -28.30 -0.32 22.20
C SER F 398 -26.90 -0.42 21.60
N PHE F 399 -25.91 -0.78 22.44
CA PHE F 399 -24.54 -0.83 21.94
C PHE F 399 -24.38 -1.89 20.86
N THR F 400 -24.96 -3.08 21.06
CA THR F 400 -24.84 -4.12 20.06
C THR F 400 -25.55 -3.73 18.77
N SER F 401 -26.70 -3.05 18.86
CA SER F 401 -27.40 -2.62 17.67
C SER F 401 -26.57 -1.62 16.87
N PHE F 402 -25.90 -0.70 17.56
CA PHE F 402 -25.15 0.33 16.86
C PHE F 402 -23.71 -0.07 16.54
N GLN F 403 -23.24 -1.22 17.05
CA GLN F 403 -21.86 -1.64 16.80
C GLN F 403 -21.62 -1.90 15.32
N GLY F 404 -22.60 -2.48 14.62
CA GLY F 404 -22.42 -2.72 13.20
C GLY F 404 -22.17 -1.43 12.42
N LEU F 405 -22.99 -0.41 12.67
CA LEU F 405 -22.79 0.87 12.02
C LEU F 405 -21.44 1.47 12.40
N MET F 406 -21.10 1.41 13.69
CA MET F 406 -19.82 1.94 14.13
C MET F 406 -18.67 1.31 13.36
N VAL F 407 -18.63 -0.02 13.30
CA VAL F 407 -17.54 -0.71 12.62
C VAL F 407 -17.52 -0.35 11.14
N ALA F 408 -18.70 -0.39 10.51
CA ALA F 408 -18.76 -0.11 9.07
C ALA F 408 -18.21 1.27 8.75
N ILE F 409 -18.73 2.30 9.43
CA ILE F 409 -18.28 3.65 9.14
C ILE F 409 -16.80 3.80 9.46
N LEU F 410 -16.35 3.22 10.58
CA LEU F 410 -14.98 3.45 11.02
C LEU F 410 -13.98 2.82 10.06
N TYR F 411 -14.25 1.60 9.58
CA TYR F 411 -13.30 0.85 8.79
C TYR F 411 -13.60 0.83 7.30
N CYS F 412 -14.60 1.58 6.85
CA CYS F 412 -14.87 1.60 5.41
C CYS F 412 -14.94 3.00 4.82
N PHE F 413 -15.51 3.97 5.54
CA PHE F 413 -15.77 5.29 4.99
C PHE F 413 -14.66 6.28 5.28
N VAL F 414 -14.37 6.53 6.56
CA VAL F 414 -13.32 7.48 6.92
C VAL F 414 -11.93 6.95 6.62
N ASN F 415 -11.81 5.67 6.28
CA ASN F 415 -10.50 5.07 6.04
C ASN F 415 -9.77 5.84 4.94
N ASN F 416 -8.50 6.17 5.20
CA ASN F 416 -7.79 7.08 4.31
C ASN F 416 -7.63 6.51 2.90
N GLU F 417 -7.30 5.21 2.79
CA GLU F 417 -7.12 4.65 1.46
C GLU F 417 -8.41 4.68 0.67
N VAL F 418 -9.55 4.49 1.34
CA VAL F 418 -10.84 4.55 0.64
C VAL F 418 -11.06 5.94 0.06
N GLN F 419 -10.80 6.99 0.86
CA GLN F 419 -10.96 8.34 0.36
C GLN F 419 -9.99 8.62 -0.79
N LEU F 420 -8.76 8.14 -0.68
CA LEU F 420 -7.80 8.32 -1.77
C LEU F 420 -8.30 7.64 -3.04
N GLU F 421 -8.83 6.43 -2.90
CA GLU F 421 -9.37 5.72 -4.05
C GLU F 421 -10.52 6.50 -4.68
N PHE F 422 -11.42 7.04 -3.86
CA PHE F 422 -12.52 7.82 -4.40
C PHE F 422 -12.00 9.04 -5.14
N ARG F 423 -11.05 9.76 -4.55
CA ARG F 423 -10.53 10.97 -5.17
C ARG F 423 -9.86 10.67 -6.50
N LYS F 424 -9.04 9.62 -6.55
CA LYS F 424 -8.35 9.31 -7.79
C LYS F 424 -9.31 8.76 -8.84
N SER F 425 -10.36 8.03 -8.41
CA SER F 425 -11.37 7.60 -9.37
C SER F 425 -12.09 8.79 -9.97
N TRP F 426 -12.43 9.78 -9.15
CA TRP F 426 -13.06 10.98 -9.68
C TRP F 426 -12.12 11.73 -10.63
N GLU F 427 -10.83 11.80 -10.27
CA GLU F 427 -9.88 12.48 -11.15
C GLU F 427 -9.76 11.76 -12.49
N ARG F 428 -9.73 10.43 -12.47
CA ARG F 428 -9.70 9.67 -13.72
C ARG F 428 -10.98 9.91 -14.52
N TRP F 429 -12.12 9.93 -13.85
CA TRP F 429 -13.37 10.25 -14.53
C TRP F 429 -13.31 11.61 -15.21
N ARG F 430 -12.66 12.57 -14.58
CA ARG F 430 -12.55 13.92 -15.14
C ARG F 430 -11.38 14.08 -16.09
N LEU F 431 -10.51 13.07 -16.22
CA LEU F 431 -9.45 13.16 -17.22
C LEU F 431 -10.01 13.20 -18.63
N GLU F 432 -11.04 12.42 -18.91
CA GLU F 432 -11.66 12.39 -20.23
C GLU F 432 -12.08 13.78 -20.66
#